data_9J23
# 
_entry.id   9J23 
# 
_audit_conform.dict_name       mmcif_pdbx.dic 
_audit_conform.dict_version    5.395 
_audit_conform.dict_location   http://mmcif.pdb.org/dictionaries/ascii/mmcif_pdbx.dic 
# 
loop_
_database_2.database_id 
_database_2.database_code 
_database_2.pdbx_database_accession 
_database_2.pdbx_DOI 
PDB   9J23         pdb_00009j23 10.2210/pdb9j23/pdb 
WWPDB D_1300050187 ?            ?                   
# 
_pdbx_audit_revision_history.ordinal             1 
_pdbx_audit_revision_history.data_content_type   'Structure model' 
_pdbx_audit_revision_history.major_revision      1 
_pdbx_audit_revision_history.minor_revision      0 
_pdbx_audit_revision_history.revision_date       2024-08-21 
# 
_pdbx_audit_revision_details.ordinal             1 
_pdbx_audit_revision_details.revision_ordinal    1 
_pdbx_audit_revision_details.data_content_type   'Structure model' 
_pdbx_audit_revision_details.provider            repository 
_pdbx_audit_revision_details.type                'Initial release' 
_pdbx_audit_revision_details.description         ? 
_pdbx_audit_revision_details.details             ? 
# 
_pdbx_database_status.status_code                     REL 
_pdbx_database_status.status_code_sf                  REL 
_pdbx_database_status.status_code_mr                  ? 
_pdbx_database_status.entry_id                        9J23 
_pdbx_database_status.recvd_initial_deposition_date   2024-08-06 
_pdbx_database_status.SG_entry                        N 
_pdbx_database_status.deposit_site                    PDBJ 
_pdbx_database_status.process_site                    PDBC 
_pdbx_database_status.status_code_cs                  ? 
_pdbx_database_status.status_code_nmr_data            ? 
_pdbx_database_status.methods_development_category    ? 
_pdbx_database_status.pdb_format_compatible           Y 
# 
_pdbx_contact_author.id                 2 
_pdbx_contact_author.email              fanxiaoju@trautec.com.cn 
_pdbx_contact_author.name_first         Xiaoju 
_pdbx_contact_author.name_last          Fan 
_pdbx_contact_author.name_mi            ? 
_pdbx_contact_author.role               'principal investigator/group leader' 
_pdbx_contact_author.identifier_ORCID   0000-0002-7662-6945 
# 
loop_
_audit_author.name 
_audit_author.pdbx_ordinal 
_audit_author.identifier_ORCID 
'Fan, X.'  1  ? 
'Zhai, Y.' 2  ? 
'Chu, Y.'  3  ? 
'Fu, S.'   4  ? 
'Li, D.'   5  ? 
'Feng, P.' 6  ? 
'Cao, K.'  7  ? 
'Li, J.'   8  ? 
'Si, Y.'   9  ? 
'Ma, L.'   10 ? 
'Qian, S.' 11 ? 
# 
_citation.abstract                  ? 
_citation.abstract_id_CAS           ? 
_citation.book_id_ISBN              ? 
_citation.book_publisher            ? 
_citation.book_publisher_city       ? 
_citation.book_title                ? 
_citation.coordinate_linkage        ? 
_citation.country                   ? 
_citation.database_id_Medline       ? 
_citation.details                   ? 
_citation.id                        primary 
_citation.journal_abbrev            'To Be Published' 
_citation.journal_id_ASTM           ? 
_citation.journal_id_CSD            0353 
_citation.journal_id_ISSN           ? 
_citation.journal_full              ? 
_citation.journal_issue             ? 
_citation.journal_volume            ? 
_citation.language                  ? 
_citation.page_first                ? 
_citation.page_last                 ? 
_citation.title                     'Structure of a triple-helix region of human Collagen type II from Trautec' 
_citation.year                      ? 
_citation.database_id_CSD           ? 
_citation.pdbx_database_id_DOI      ? 
_citation.pdbx_database_id_PubMed   ? 
_citation.pdbx_database_id_patent   ? 
_citation.unpublished_flag          ? 
# 
loop_
_citation_author.citation_id 
_citation_author.name 
_citation_author.ordinal 
_citation_author.identifier_ORCID 
primary 'Fan, X.'  1  ? 
primary 'Zhai, Y.' 2  ? 
primary 'Chu, Y.'  3  ? 
primary 'Fu, S.'   4  ? 
primary 'Li, D.'   5  ? 
primary 'Feng, P.' 6  ? 
primary 'Cao, K.'  7  ? 
primary 'Li, J.'   8  ? 
primary 'Si, Y.'   9  ? 
primary 'Ma, L.'   10 ? 
primary 'Qian, S.' 11 ? 
# 
loop_
_entity.id 
_entity.type 
_entity.src_method 
_entity.pdbx_description 
_entity.formula_weight 
_entity.pdbx_number_of_molecules 
_entity.pdbx_ec 
_entity.pdbx_mutation 
_entity.pdbx_fragment 
_entity.details 
1 polymer syn 'Triple-helix region of human collagen type II' 2799.020 3  ? ? ? ? 
2 water   nat water                                           18.015   84 ? ? ? ? 
# 
_entity_poly.entity_id                      1 
_entity_poly.type                           'polypeptide(L)' 
_entity_poly.nstd_linkage                   no 
_entity_poly.nstd_monomer                   yes 
_entity_poly.pdbx_seq_one_letter_code       'P(HYP)GP(HYP)GP(HYP)GARGIQGPQGPRGP(HYP)GP(HYP)GP(HYP)G' 
_entity_poly.pdbx_seq_one_letter_code_can   PPGPPGPPGARGIQGPQGPRGPPGPPGPPG 
_entity_poly.pdbx_strand_id                 A,B,C 
_entity_poly.pdbx_target_identifier         ? 
# 
_pdbx_entity_nonpoly.entity_id   2 
_pdbx_entity_nonpoly.name        water 
_pdbx_entity_nonpoly.comp_id     HOH 
# 
loop_
_entity_poly_seq.entity_id 
_entity_poly_seq.num 
_entity_poly_seq.mon_id 
_entity_poly_seq.hetero 
1 1  PRO n 
1 2  HYP n 
1 3  GLY n 
1 4  PRO n 
1 5  HYP n 
1 6  GLY n 
1 7  PRO n 
1 8  HYP n 
1 9  GLY n 
1 10 ALA n 
1 11 ARG n 
1 12 GLY n 
1 13 ILE n 
1 14 GLN n 
1 15 GLY n 
1 16 PRO n 
1 17 GLN n 
1 18 GLY n 
1 19 PRO n 
1 20 ARG n 
1 21 GLY n 
1 22 PRO n 
1 23 HYP n 
1 24 GLY n 
1 25 PRO n 
1 26 HYP n 
1 27 GLY n 
1 28 PRO n 
1 29 HYP n 
1 30 GLY n 
# 
_pdbx_entity_src_syn.entity_id              1 
_pdbx_entity_src_syn.pdbx_src_id            1 
_pdbx_entity_src_syn.pdbx_alt_source_flag   sample 
_pdbx_entity_src_syn.pdbx_beg_seq_num       1 
_pdbx_entity_src_syn.pdbx_end_seq_num       30 
_pdbx_entity_src_syn.organism_scientific    'Homo sapiens' 
_pdbx_entity_src_syn.organism_common_name   human 
_pdbx_entity_src_syn.ncbi_taxonomy_id       9606 
_pdbx_entity_src_syn.details                ? 
# 
loop_
_chem_comp.id 
_chem_comp.type 
_chem_comp.mon_nstd_flag 
_chem_comp.name 
_chem_comp.pdbx_synonyms 
_chem_comp.formula 
_chem_comp.formula_weight 
ALA 'L-peptide linking' y ALANINE          ?              'C3 H7 N O2'     89.093  
ARG 'L-peptide linking' y ARGININE         ?              'C6 H15 N4 O2 1' 175.209 
GLN 'L-peptide linking' y GLUTAMINE        ?              'C5 H10 N2 O3'   146.144 
GLY 'peptide linking'   y GLYCINE          ?              'C2 H5 N O2'     75.067  
HOH non-polymer         . WATER            ?              'H2 O'           18.015  
HYP 'L-peptide linking' n 4-HYDROXYPROLINE HYDROXYPROLINE 'C5 H9 N O3'     131.130 
ILE 'L-peptide linking' y ISOLEUCINE       ?              'C6 H13 N O2'    131.173 
PRO 'L-peptide linking' y PROLINE          ?              'C5 H9 N O2'     115.130 
# 
loop_
_pdbx_poly_seq_scheme.asym_id 
_pdbx_poly_seq_scheme.entity_id 
_pdbx_poly_seq_scheme.seq_id 
_pdbx_poly_seq_scheme.mon_id 
_pdbx_poly_seq_scheme.ndb_seq_num 
_pdbx_poly_seq_scheme.pdb_seq_num 
_pdbx_poly_seq_scheme.auth_seq_num 
_pdbx_poly_seq_scheme.pdb_mon_id 
_pdbx_poly_seq_scheme.auth_mon_id 
_pdbx_poly_seq_scheme.pdb_strand_id 
_pdbx_poly_seq_scheme.pdb_ins_code 
_pdbx_poly_seq_scheme.hetero 
A 1 1  PRO 1  1  ?  ?   ?   A . n 
A 1 2  HYP 2  2  2  HYP HYP A . n 
A 1 3  GLY 3  3  3  GLY GLY A . n 
A 1 4  PRO 4  4  4  PRO PRO A . n 
A 1 5  HYP 5  5  5  HYP HYP A . n 
A 1 6  GLY 6  6  6  GLY GLY A . n 
A 1 7  PRO 7  7  7  PRO PRO A . n 
A 1 8  HYP 8  8  8  HYP HYP A . n 
A 1 9  GLY 9  9  9  GLY GLY A . n 
A 1 10 ALA 10 10 10 ALA ALA A . n 
A 1 11 ARG 11 11 11 ARG ARG A . n 
A 1 12 GLY 12 12 12 GLY GLY A . n 
A 1 13 ILE 13 13 13 ILE ILE A . n 
A 1 14 GLN 14 14 14 GLN GLN A . n 
A 1 15 GLY 15 15 15 GLY GLY A . n 
A 1 16 PRO 16 16 16 PRO PRO A . n 
A 1 17 GLN 17 17 17 GLN GLN A . n 
A 1 18 GLY 18 18 18 GLY GLY A . n 
A 1 19 PRO 19 19 19 PRO PRO A . n 
A 1 20 ARG 20 20 20 ARG ARG A . n 
A 1 21 GLY 21 21 21 GLY GLY A . n 
A 1 22 PRO 22 22 22 PRO PRO A . n 
A 1 23 HYP 23 23 23 HYP HYP A . n 
A 1 24 GLY 24 24 24 GLY GLY A . n 
A 1 25 PRO 25 25 25 PRO PRO A . n 
A 1 26 HYP 26 26 26 HYP HYP A . n 
A 1 27 GLY 27 27 27 GLY GLY A . n 
A 1 28 PRO 28 28 28 PRO PRO A . n 
A 1 29 HYP 29 29 29 HYP HYP A . n 
A 1 30 GLY 30 30 30 GLY GLY A . n 
B 1 1  PRO 1  1  ?  ?   ?   B . n 
B 1 2  HYP 2  2  2  HYP HYP B . n 
B 1 3  GLY 3  3  3  GLY GLY B . n 
B 1 4  PRO 4  4  4  PRO PRO B . n 
B 1 5  HYP 5  5  5  HYP HYP B . n 
B 1 6  GLY 6  6  6  GLY GLY B . n 
B 1 7  PRO 7  7  7  PRO PRO B . n 
B 1 8  HYP 8  8  8  HYP HYP B . n 
B 1 9  GLY 9  9  9  GLY GLY B . n 
B 1 10 ALA 10 10 10 ALA ALA B . n 
B 1 11 ARG 11 11 11 ARG ARG B . n 
B 1 12 GLY 12 12 12 GLY GLY B . n 
B 1 13 ILE 13 13 13 ILE ILE B . n 
B 1 14 GLN 14 14 14 GLN GLN B . n 
B 1 15 GLY 15 15 15 GLY GLY B . n 
B 1 16 PRO 16 16 16 PRO PRO B . n 
B 1 17 GLN 17 17 17 GLN GLN B . n 
B 1 18 GLY 18 18 18 GLY GLY B . n 
B 1 19 PRO 19 19 19 PRO PRO B . n 
B 1 20 ARG 20 20 20 ARG ARG B . n 
B 1 21 GLY 21 21 21 GLY GLY B . n 
B 1 22 PRO 22 22 22 PRO PRO B . n 
B 1 23 HYP 23 23 23 HYP HYP B . n 
B 1 24 GLY 24 24 24 GLY GLY B . n 
B 1 25 PRO 25 25 25 PRO PRO B . n 
B 1 26 HYP 26 26 26 HYP HYP B . n 
B 1 27 GLY 27 27 27 GLY GLY B . n 
B 1 28 PRO 28 28 28 PRO PRO B . n 
B 1 29 HYP 29 29 29 HYP HYP B . n 
B 1 30 GLY 30 30 ?  ?   ?   B . n 
C 1 1  PRO 1  1  1  PRO PRO C . n 
C 1 2  HYP 2  2  2  HYP HYP C . n 
C 1 3  GLY 3  3  3  GLY GLY C . n 
C 1 4  PRO 4  4  4  PRO PRO C . n 
C 1 5  HYP 5  5  5  HYP HYP C . n 
C 1 6  GLY 6  6  6  GLY GLY C . n 
C 1 7  PRO 7  7  7  PRO PRO C . n 
C 1 8  HYP 8  8  8  HYP HYP C . n 
C 1 9  GLY 9  9  9  GLY GLY C . n 
C 1 10 ALA 10 10 10 ALA ALA C . n 
C 1 11 ARG 11 11 11 ARG ARG C . n 
C 1 12 GLY 12 12 12 GLY GLY C . n 
C 1 13 ILE 13 13 13 ILE ILE C . n 
C 1 14 GLN 14 14 14 GLN GLN C . n 
C 1 15 GLY 15 15 15 GLY GLY C . n 
C 1 16 PRO 16 16 16 PRO PRO C . n 
C 1 17 GLN 17 17 17 GLN GLN C . n 
C 1 18 GLY 18 18 18 GLY GLY C . n 
C 1 19 PRO 19 19 19 PRO PRO C . n 
C 1 20 ARG 20 20 20 ARG ARG C . n 
C 1 21 GLY 21 21 21 GLY GLY C . n 
C 1 22 PRO 22 22 22 PRO PRO C . n 
C 1 23 HYP 23 23 23 HYP HYP C . n 
C 1 24 GLY 24 24 24 GLY GLY C . n 
C 1 25 PRO 25 25 25 PRO PRO C . n 
C 1 26 HYP 26 26 26 HYP HYP C . n 
C 1 27 GLY 27 27 27 GLY GLY C . n 
C 1 28 PRO 28 28 ?  ?   ?   C . n 
C 1 29 HYP 29 29 ?  ?   ?   C . n 
C 1 30 GLY 30 30 ?  ?   ?   C . n 
# 
loop_
_pdbx_nonpoly_scheme.asym_id 
_pdbx_nonpoly_scheme.entity_id 
_pdbx_nonpoly_scheme.mon_id 
_pdbx_nonpoly_scheme.ndb_seq_num 
_pdbx_nonpoly_scheme.pdb_seq_num 
_pdbx_nonpoly_scheme.auth_seq_num 
_pdbx_nonpoly_scheme.pdb_mon_id 
_pdbx_nonpoly_scheme.auth_mon_id 
_pdbx_nonpoly_scheme.pdb_strand_id 
_pdbx_nonpoly_scheme.pdb_ins_code 
D 2 HOH 1  101 38 HOH HOH A . 
D 2 HOH 2  102 68 HOH HOH A . 
D 2 HOH 3  103 35 HOH HOH A . 
D 2 HOH 4  104 7  HOH HOH A . 
D 2 HOH 5  105 77 HOH HOH A . 
D 2 HOH 6  106 16 HOH HOH A . 
D 2 HOH 7  107 50 HOH HOH A . 
D 2 HOH 8  108 67 HOH HOH A . 
D 2 HOH 9  109 82 HOH HOH A . 
D 2 HOH 10 110 26 HOH HOH A . 
D 2 HOH 11 111 23 HOH HOH A . 
D 2 HOH 12 112 20 HOH HOH A . 
D 2 HOH 13 113 65 HOH HOH A . 
D 2 HOH 14 114 21 HOH HOH A . 
D 2 HOH 15 115 34 HOH HOH A . 
D 2 HOH 16 116 15 HOH HOH A . 
D 2 HOH 17 117 37 HOH HOH A . 
D 2 HOH 18 118 64 HOH HOH A . 
D 2 HOH 19 119 19 HOH HOH A . 
D 2 HOH 20 120 11 HOH HOH A . 
D 2 HOH 21 121 63 HOH HOH A . 
D 2 HOH 22 122 74 HOH HOH A . 
D 2 HOH 23 123 60 HOH HOH A . 
D 2 HOH 24 124 22 HOH HOH A . 
D 2 HOH 25 125 39 HOH HOH A . 
D 2 HOH 26 126 78 HOH HOH A . 
D 2 HOH 27 127 48 HOH HOH A . 
D 2 HOH 28 128 75 HOH HOH A . 
D 2 HOH 29 129 59 HOH HOH A . 
D 2 HOH 30 130 66 HOH HOH A . 
E 2 HOH 1  101 44 HOH HOH B . 
E 2 HOH 2  102 84 HOH HOH B . 
E 2 HOH 3  103 80 HOH HOH B . 
E 2 HOH 4  104 70 HOH HOH B . 
E 2 HOH 5  105 18 HOH HOH B . 
E 2 HOH 6  106 46 HOH HOH B . 
E 2 HOH 7  107 5  HOH HOH B . 
E 2 HOH 8  108 32 HOH HOH B . 
E 2 HOH 9  109 71 HOH HOH B . 
E 2 HOH 10 110 2  HOH HOH B . 
E 2 HOH 11 111 13 HOH HOH B . 
E 2 HOH 12 112 62 HOH HOH B . 
E 2 HOH 13 113 8  HOH HOH B . 
E 2 HOH 14 114 47 HOH HOH B . 
E 2 HOH 15 115 10 HOH HOH B . 
E 2 HOH 16 116 52 HOH HOH B . 
E 2 HOH 17 117 49 HOH HOH B . 
E 2 HOH 18 118 6  HOH HOH B . 
E 2 HOH 19 119 58 HOH HOH B . 
E 2 HOH 20 120 29 HOH HOH B . 
E 2 HOH 21 121 69 HOH HOH B . 
E 2 HOH 22 122 51 HOH HOH B . 
E 2 HOH 23 123 36 HOH HOH B . 
F 2 HOH 1  101 54 HOH HOH C . 
F 2 HOH 2  102 81 HOH HOH C . 
F 2 HOH 3  103 12 HOH HOH C . 
F 2 HOH 4  104 27 HOH HOH C . 
F 2 HOH 5  105 45 HOH HOH C . 
F 2 HOH 6  106 79 HOH HOH C . 
F 2 HOH 7  107 14 HOH HOH C . 
F 2 HOH 8  108 3  HOH HOH C . 
F 2 HOH 9  109 72 HOH HOH C . 
F 2 HOH 10 110 30 HOH HOH C . 
F 2 HOH 11 111 31 HOH HOH C . 
F 2 HOH 12 112 9  HOH HOH C . 
F 2 HOH 13 113 25 HOH HOH C . 
F 2 HOH 14 114 24 HOH HOH C . 
F 2 HOH 15 115 41 HOH HOH C . 
F 2 HOH 16 116 53 HOH HOH C . 
F 2 HOH 17 117 40 HOH HOH C . 
F 2 HOH 18 118 4  HOH HOH C . 
F 2 HOH 19 119 85 HOH HOH C . 
F 2 HOH 20 120 57 HOH HOH C . 
F 2 HOH 21 121 76 HOH HOH C . 
F 2 HOH 22 122 43 HOH HOH C . 
F 2 HOH 23 123 17 HOH HOH C . 
F 2 HOH 24 124 1  HOH HOH C . 
F 2 HOH 25 125 42 HOH HOH C . 
F 2 HOH 26 126 73 HOH HOH C . 
F 2 HOH 27 127 83 HOH HOH C . 
F 2 HOH 28 128 33 HOH HOH C . 
F 2 HOH 29 129 28 HOH HOH C . 
F 2 HOH 30 130 56 HOH HOH C . 
F 2 HOH 31 131 55 HOH HOH C . 
# 
loop_
_software.citation_id 
_software.classification 
_software.compiler_name 
_software.compiler_version 
_software.contact_author 
_software.contact_author_email 
_software.date 
_software.description 
_software.dependencies 
_software.hardware 
_software.language 
_software.location 
_software.mods 
_software.name 
_software.os 
_software.os_version 
_software.type 
_software.version 
_software.pdbx_ordinal 
? refinement       ? ? ? ? ? ? ? ? ? ? ? REFMAC  ? ? ? 5.8.0430 1 
? 'data reduction' ? ? ? ? ? ? ? ? ? ? ? XDS     ? ? ? .        2 
? 'data scaling'   ? ? ? ? ? ? ? ? ? ? ? Aimless ? ? ? .        3 
? phasing          ? ? ? ? ? ? ? ? ? ? ? PHASER  ? ? ? .        4 
# 
_cell.angle_alpha                  90.000 
_cell.angle_alpha_esd              ? 
_cell.angle_beta                   99.984 
_cell.angle_beta_esd               ? 
_cell.angle_gamma                  90.000 
_cell.angle_gamma_esd              ? 
_cell.entry_id                     9J23 
_cell.details                      ? 
_cell.formula_units_Z              ? 
_cell.length_a                     34.987 
_cell.length_a_esd                 ? 
_cell.length_b                     20.042 
_cell.length_b_esd                 ? 
_cell.length_c                     44.985 
_cell.length_c_esd                 ? 
_cell.volume                       ? 
_cell.volume_esd                   ? 
_cell.Z_PDB                        6 
_cell.reciprocal_angle_alpha       ? 
_cell.reciprocal_angle_beta        ? 
_cell.reciprocal_angle_gamma       ? 
_cell.reciprocal_angle_alpha_esd   ? 
_cell.reciprocal_angle_beta_esd    ? 
_cell.reciprocal_angle_gamma_esd   ? 
_cell.reciprocal_length_a          ? 
_cell.reciprocal_length_b          ? 
_cell.reciprocal_length_c          ? 
_cell.reciprocal_length_a_esd      ? 
_cell.reciprocal_length_b_esd      ? 
_cell.reciprocal_length_c_esd      ? 
_cell.pdbx_unique_axis             ? 
_cell.pdbx_esd_method              ? 
# 
_symmetry.entry_id                         9J23 
_symmetry.cell_setting                     ? 
_symmetry.Int_Tables_number                4 
_symmetry.space_group_name_Hall            ? 
_symmetry.space_group_name_H-M             'P 1 21 1' 
_symmetry.pdbx_full_space_group_name_H-M   ? 
# 
_exptl.absorpt_coefficient_mu     ? 
_exptl.absorpt_correction_T_max   ? 
_exptl.absorpt_correction_T_min   ? 
_exptl.absorpt_correction_type    ? 
_exptl.absorpt_process_details    ? 
_exptl.entry_id                   9J23 
_exptl.crystals_number            1 
_exptl.details                    ? 
_exptl.method                     'X-RAY DIFFRACTION' 
_exptl.method_details             ? 
# 
_exptl_crystal.colour                       ? 
_exptl_crystal.density_diffrn               ? 
_exptl_crystal.density_Matthews             1.98 
_exptl_crystal.density_method               ? 
_exptl_crystal.density_percent_sol          33.51 
_exptl_crystal.description                  ? 
_exptl_crystal.F_000                        ? 
_exptl_crystal.id                           1 
_exptl_crystal.preparation                  ? 
_exptl_crystal.size_max                     ? 
_exptl_crystal.size_mid                     ? 
_exptl_crystal.size_min                     ? 
_exptl_crystal.size_rad                     ? 
_exptl_crystal.colour_lustre                ? 
_exptl_crystal.colour_modifier              ? 
_exptl_crystal.colour_primary               ? 
_exptl_crystal.density_meas                 ? 
_exptl_crystal.density_meas_esd             ? 
_exptl_crystal.density_meas_gt              ? 
_exptl_crystal.density_meas_lt              ? 
_exptl_crystal.density_meas_temp            ? 
_exptl_crystal.density_meas_temp_esd        ? 
_exptl_crystal.density_meas_temp_gt         ? 
_exptl_crystal.density_meas_temp_lt         ? 
_exptl_crystal.pdbx_crystal_image_url       ? 
_exptl_crystal.pdbx_crystal_image_format    ? 
_exptl_crystal.pdbx_mosaicity               ? 
_exptl_crystal.pdbx_mosaicity_esd           ? 
_exptl_crystal.pdbx_mosaic_method           ? 
_exptl_crystal.pdbx_mosaic_block_size       ? 
_exptl_crystal.pdbx_mosaic_block_size_esd   ? 
# 
_exptl_crystal_grow.apparatus       ? 
_exptl_crystal_grow.atmosphere      ? 
_exptl_crystal_grow.crystal_id      1 
_exptl_crystal_grow.details         ? 
_exptl_crystal_grow.method          'VAPOR DIFFUSION, SITTING DROP' 
_exptl_crystal_grow.method_ref      ? 
_exptl_crystal_grow.pH              ? 
_exptl_crystal_grow.pressure        ? 
_exptl_crystal_grow.pressure_esd    ? 
_exptl_crystal_grow.seeding         ? 
_exptl_crystal_grow.seeding_ref     ? 
_exptl_crystal_grow.temp_details    ? 
_exptl_crystal_grow.temp_esd        ? 
_exptl_crystal_grow.time            ? 
_exptl_crystal_grow.pdbx_details    'Index-G12:0.2M MgCl2, 0.1M HEPES pH7.5, 25% PEG3,350' 
_exptl_crystal_grow.pdbx_pH_range   ? 
_exptl_crystal_grow.temp            293 
# 
_diffrn.ambient_environment              ? 
_diffrn.ambient_temp                     100 
_diffrn.ambient_temp_details             ? 
_diffrn.ambient_temp_esd                 ? 
_diffrn.crystal_id                       1 
_diffrn.crystal_support                  ? 
_diffrn.crystal_treatment                ? 
_diffrn.details                          ? 
_diffrn.id                               1 
_diffrn.ambient_pressure                 ? 
_diffrn.ambient_pressure_esd             ? 
_diffrn.ambient_pressure_gt              ? 
_diffrn.ambient_pressure_lt              ? 
_diffrn.ambient_temp_gt                  ? 
_diffrn.ambient_temp_lt                  ? 
_diffrn.pdbx_serial_crystal_experiment   N 
# 
_diffrn_detector.details                      ? 
_diffrn_detector.detector                     PIXEL 
_diffrn_detector.diffrn_id                    1 
_diffrn_detector.type                         'DECTRIS PILATUS3 6M' 
_diffrn_detector.area_resol_mean              ? 
_diffrn_detector.dtime                        ? 
_diffrn_detector.pdbx_frames_total            ? 
_diffrn_detector.pdbx_collection_time_total   ? 
_diffrn_detector.pdbx_collection_date         2024-07-15 
_diffrn_detector.pdbx_frequency               ? 
_diffrn_detector.id                           ? 
_diffrn_detector.number_of_axes               ? 
# 
_diffrn_radiation.collimation                      ? 
_diffrn_radiation.diffrn_id                        1 
_diffrn_radiation.filter_edge                      ? 
_diffrn_radiation.inhomogeneity                    ? 
_diffrn_radiation.monochromator                    ? 
_diffrn_radiation.polarisn_norm                    ? 
_diffrn_radiation.polarisn_ratio                   ? 
_diffrn_radiation.probe                            ? 
_diffrn_radiation.type                             ? 
_diffrn_radiation.xray_symbol                      ? 
_diffrn_radiation.wavelength_id                    1 
_diffrn_radiation.pdbx_monochromatic_or_laue_m_l   M 
_diffrn_radiation.pdbx_wavelength_list             ? 
_diffrn_radiation.pdbx_wavelength                  ? 
_diffrn_radiation.pdbx_diffrn_protocol             'SINGLE WAVELENGTH' 
_diffrn_radiation.pdbx_analyzer                    ? 
_diffrn_radiation.pdbx_scattering_type             x-ray 
# 
_diffrn_radiation_wavelength.id           1 
_diffrn_radiation_wavelength.wavelength   0.99999 
_diffrn_radiation_wavelength.wt           1.0 
# 
_diffrn_source.current                     ? 
_diffrn_source.details                     ? 
_diffrn_source.diffrn_id                   1 
_diffrn_source.power                       ? 
_diffrn_source.size                        ? 
_diffrn_source.source                      SYNCHROTRON 
_diffrn_source.target                      ? 
_diffrn_source.type                        'SPRING-8 BEAMLINE BL45XU' 
_diffrn_source.voltage                     ? 
_diffrn_source.take-off_angle              ? 
_diffrn_source.pdbx_wavelength_list        0.99999 
_diffrn_source.pdbx_wavelength             ? 
_diffrn_source.pdbx_synchrotron_beamline   BL45XU 
_diffrn_source.pdbx_synchrotron_site       SPring-8 
# 
_reflns.B_iso_Wilson_estimate                          ? 
_reflns.entry_id                                       9J23 
_reflns.data_reduction_details                         ? 
_reflns.data_reduction_method                          ? 
_reflns.d_resolution_high                              1.75 
_reflns.d_resolution_low                               44.30 
_reflns.details                                        ? 
_reflns.limit_h_max                                    ? 
_reflns.limit_h_min                                    ? 
_reflns.limit_k_max                                    ? 
_reflns.limit_k_min                                    ? 
_reflns.limit_l_max                                    ? 
_reflns.limit_l_min                                    ? 
_reflns.number_all                                     ? 
_reflns.number_obs                                     6457 
_reflns.observed_criterion                             ? 
_reflns.observed_criterion_F_max                       ? 
_reflns.observed_criterion_F_min                       ? 
_reflns.observed_criterion_I_max                       ? 
_reflns.observed_criterion_I_min                       ? 
_reflns.observed_criterion_sigma_F                     ? 
_reflns.observed_criterion_sigma_I                     ? 
_reflns.percent_possible_obs                           99.7 
_reflns.R_free_details                                 ? 
_reflns.Rmerge_F_all                                   ? 
_reflns.Rmerge_F_obs                                   ? 
_reflns.Friedel_coverage                               ? 
_reflns.number_gt                                      ? 
_reflns.threshold_expression                           ? 
_reflns.pdbx_redundancy                                5.6 
_reflns.pdbx_netI_over_av_sigmaI                       ? 
_reflns.pdbx_netI_over_sigmaI                          3.5 
_reflns.pdbx_res_netI_over_av_sigmaI_2                 ? 
_reflns.pdbx_res_netI_over_sigmaI_2                    ? 
_reflns.pdbx_chi_squared                               ? 
_reflns.pdbx_scaling_rejects                           ? 
_reflns.pdbx_d_res_high_opt                            ? 
_reflns.pdbx_d_res_low_opt                             ? 
_reflns.pdbx_d_res_opt_method                          ? 
_reflns.phase_calculation_details                      ? 
_reflns.pdbx_Rrim_I_all                                ? 
_reflns.pdbx_Rpim_I_all                                ? 
_reflns.pdbx_d_opt                                     ? 
_reflns.pdbx_number_measured_all                       ? 
_reflns.pdbx_diffrn_id                                 1 
_reflns.pdbx_ordinal                                   1 
_reflns.pdbx_CC_half                                   0.908 
_reflns.pdbx_CC_star                                   ? 
_reflns.pdbx_R_split                                   ? 
_reflns.pdbx_Rmerge_I_obs                              ? 
_reflns.pdbx_Rmerge_I_all                              ? 
_reflns.pdbx_Rsym_value                                ? 
_reflns.pdbx_CC_split_method                           ? 
_reflns.pdbx_aniso_diffraction_limit_axis_1_ortho[1]   ? 
_reflns.pdbx_aniso_diffraction_limit_axis_1_ortho[2]   ? 
_reflns.pdbx_aniso_diffraction_limit_axis_1_ortho[3]   ? 
_reflns.pdbx_aniso_diffraction_limit_axis_2_ortho[1]   ? 
_reflns.pdbx_aniso_diffraction_limit_axis_2_ortho[2]   ? 
_reflns.pdbx_aniso_diffraction_limit_axis_2_ortho[3]   ? 
_reflns.pdbx_aniso_diffraction_limit_axis_3_ortho[1]   ? 
_reflns.pdbx_aniso_diffraction_limit_axis_3_ortho[2]   ? 
_reflns.pdbx_aniso_diffraction_limit_axis_3_ortho[3]   ? 
_reflns.pdbx_aniso_diffraction_limit_1                 ? 
_reflns.pdbx_aniso_diffraction_limit_2                 ? 
_reflns.pdbx_aniso_diffraction_limit_3                 ? 
_reflns.pdbx_aniso_B_tensor_eigenvector_1_ortho[1]     ? 
_reflns.pdbx_aniso_B_tensor_eigenvector_1_ortho[2]     ? 
_reflns.pdbx_aniso_B_tensor_eigenvector_1_ortho[3]     ? 
_reflns.pdbx_aniso_B_tensor_eigenvector_2_ortho[1]     ? 
_reflns.pdbx_aniso_B_tensor_eigenvector_2_ortho[2]     ? 
_reflns.pdbx_aniso_B_tensor_eigenvector_2_ortho[3]     ? 
_reflns.pdbx_aniso_B_tensor_eigenvector_3_ortho[1]     ? 
_reflns.pdbx_aniso_B_tensor_eigenvector_3_ortho[2]     ? 
_reflns.pdbx_aniso_B_tensor_eigenvector_3_ortho[3]     ? 
_reflns.pdbx_aniso_B_tensor_eigenvalue_1               ? 
_reflns.pdbx_aniso_B_tensor_eigenvalue_2               ? 
_reflns.pdbx_aniso_B_tensor_eigenvalue_3               ? 
_reflns.pdbx_orthogonalization_convention              ? 
_reflns.pdbx_percent_possible_ellipsoidal              ? 
_reflns.pdbx_percent_possible_spherical                ? 
_reflns.pdbx_percent_possible_ellipsoidal_anomalous    ? 
_reflns.pdbx_percent_possible_spherical_anomalous      ? 
_reflns.pdbx_redundancy_anomalous                      ? 
_reflns.pdbx_CC_half_anomalous                         ? 
_reflns.pdbx_absDiff_over_sigma_anomalous              ? 
_reflns.pdbx_percent_possible_anomalous                ? 
_reflns.pdbx_observed_signal_threshold                 ? 
_reflns.pdbx_signal_type                               ? 
_reflns.pdbx_signal_details                            ? 
_reflns.pdbx_signal_software_id                        ? 
# 
_reflns_shell.d_res_high                                    1.75 
_reflns_shell.d_res_low                                     1.78 
_reflns_shell.meanI_over_sigI_all                           ? 
_reflns_shell.meanI_over_sigI_obs                           ? 
_reflns_shell.number_measured_all                           ? 
_reflns_shell.number_measured_obs                           ? 
_reflns_shell.number_possible                               ? 
_reflns_shell.number_unique_all                             ? 
_reflns_shell.number_unique_obs                             346 
_reflns_shell.percent_possible_obs                          ? 
_reflns_shell.Rmerge_F_all                                  ? 
_reflns_shell.Rmerge_F_obs                                  ? 
_reflns_shell.meanI_over_sigI_gt                            ? 
_reflns_shell.meanI_over_uI_all                             ? 
_reflns_shell.meanI_over_uI_gt                              ? 
_reflns_shell.number_measured_gt                            ? 
_reflns_shell.number_unique_gt                              ? 
_reflns_shell.percent_possible_gt                           ? 
_reflns_shell.Rmerge_F_gt                                   ? 
_reflns_shell.Rmerge_I_gt                                   ? 
_reflns_shell.pdbx_redundancy                               ? 
_reflns_shell.pdbx_chi_squared                              ? 
_reflns_shell.pdbx_netI_over_sigmaI_all                     ? 
_reflns_shell.pdbx_netI_over_sigmaI_obs                     ? 
_reflns_shell.pdbx_Rrim_I_all                               ? 
_reflns_shell.pdbx_Rpim_I_all                               ? 
_reflns_shell.pdbx_rejects                                  ? 
_reflns_shell.pdbx_ordinal                                  1 
_reflns_shell.pdbx_diffrn_id                                1 
_reflns_shell.pdbx_CC_half                                  0.812 
_reflns_shell.pdbx_CC_star                                  ? 
_reflns_shell.pdbx_R_split                                  ? 
_reflns_shell.percent_possible_all                          ? 
_reflns_shell.Rmerge_I_all                                  ? 
_reflns_shell.Rmerge_I_obs                                  ? 
_reflns_shell.pdbx_Rsym_value                               ? 
_reflns_shell.pdbx_percent_possible_ellipsoidal             ? 
_reflns_shell.pdbx_percent_possible_spherical               ? 
_reflns_shell.pdbx_percent_possible_ellipsoidal_anomalous   ? 
_reflns_shell.pdbx_percent_possible_spherical_anomalous     ? 
_reflns_shell.pdbx_redundancy_anomalous                     ? 
_reflns_shell.pdbx_CC_half_anomalous                        ? 
_reflns_shell.pdbx_absDiff_over_sigma_anomalous             ? 
_reflns_shell.pdbx_percent_possible_anomalous               ? 
# 
_refine.aniso_B[1][1]                            0.743 
_refine.aniso_B[1][2]                            -0.000 
_refine.aniso_B[1][3]                            0.446 
_refine.aniso_B[2][2]                            1.249 
_refine.aniso_B[2][3]                            0.000 
_refine.aniso_B[3][3]                            -2.023 
_refine.B_iso_max                                ? 
_refine.B_iso_mean                               15.135 
_refine.B_iso_min                                ? 
_refine.correlation_coeff_Fo_to_Fc               0.924 
_refine.correlation_coeff_Fo_to_Fc_free          0.910 
_refine.details                                  'Hydrogens have been added in their riding positions' 
_refine.diff_density_max                         ? 
_refine.diff_density_max_esd                     ? 
_refine.diff_density_min                         ? 
_refine.diff_density_min_esd                     ? 
_refine.diff_density_rms                         ? 
_refine.diff_density_rms_esd                     ? 
_refine.entry_id                                 9J23 
_refine.pdbx_refine_id                           'X-RAY DIFFRACTION' 
_refine.ls_abs_structure_details                 ? 
_refine.ls_abs_structure_Flack                   ? 
_refine.ls_abs_structure_Flack_esd               ? 
_refine.ls_abs_structure_Rogers                  ? 
_refine.ls_abs_structure_Rogers_esd              ? 
_refine.ls_d_res_high                            1.750 
_refine.ls_d_res_low                             44.30 
_refine.ls_extinction_coef                       ? 
_refine.ls_extinction_coef_esd                   ? 
_refine.ls_extinction_expression                 ? 
_refine.ls_extinction_method                     ? 
_refine.ls_goodness_of_fit_all                   ? 
_refine.ls_goodness_of_fit_all_esd               ? 
_refine.ls_goodness_of_fit_obs                   ? 
_refine.ls_goodness_of_fit_obs_esd               ? 
_refine.ls_hydrogen_treatment                    ? 
_refine.ls_matrix_type                           ? 
_refine.ls_number_constraints                    ? 
_refine.ls_number_parameters                     ? 
_refine.ls_number_reflns_all                     ? 
_refine.ls_number_reflns_obs                     6450 
_refine.ls_number_reflns_R_free                  299 
_refine.ls_number_reflns_R_work                  6151 
_refine.ls_number_restraints                     ? 
_refine.ls_percent_reflns_obs                    99.737 
_refine.ls_percent_reflns_R_free                 4.636 
_refine.ls_R_factor_all                          0.243 
_refine.ls_R_factor_obs                          ? 
_refine.ls_R_factor_R_free                       0.2879 
_refine.ls_R_factor_R_free_error                 ? 
_refine.ls_R_factor_R_free_error_details         ? 
_refine.ls_R_factor_R_work                       0.2407 
_refine.ls_R_Fsqd_factor_obs                     ? 
_refine.ls_R_I_factor_obs                        ? 
_refine.ls_redundancy_reflns_all                 ? 
_refine.ls_redundancy_reflns_obs                 ? 
_refine.ls_restrained_S_all                      ? 
_refine.ls_restrained_S_obs                      ? 
_refine.ls_shift_over_esd_max                    ? 
_refine.ls_shift_over_esd_mean                   ? 
_refine.ls_structure_factor_coef                 ? 
_refine.ls_weighting_details                     ? 
_refine.ls_weighting_scheme                      ? 
_refine.ls_wR_factor_all                         ? 
_refine.ls_wR_factor_obs                         ? 
_refine.ls_wR_factor_R_free                      ? 
_refine.ls_wR_factor_R_work                      ? 
_refine.occupancy_max                            ? 
_refine.occupancy_min                            ? 
_refine.solvent_model_details                    'MASK BULK SOLVENT' 
_refine.solvent_model_param_bsol                 ? 
_refine.solvent_model_param_ksol                 ? 
_refine.pdbx_R_complete                          ? 
_refine.ls_R_factor_gt                           ? 
_refine.ls_goodness_of_fit_gt                    ? 
_refine.ls_goodness_of_fit_ref                   ? 
_refine.ls_shift_over_su_max                     ? 
_refine.ls_shift_over_su_max_lt                  ? 
_refine.ls_shift_over_su_mean                    ? 
_refine.ls_shift_over_su_mean_lt                 ? 
_refine.pdbx_ls_sigma_I                          ? 
_refine.pdbx_ls_sigma_F                          ? 
_refine.pdbx_ls_sigma_Fsqd                       ? 
_refine.pdbx_data_cutoff_high_absF               ? 
_refine.pdbx_data_cutoff_high_rms_absF           ? 
_refine.pdbx_data_cutoff_low_absF                ? 
_refine.pdbx_isotropic_thermal_model             ? 
_refine.pdbx_ls_cross_valid_method               'FREE R-VALUE' 
_refine.pdbx_method_to_determine_struct          'MOLECULAR REPLACEMENT' 
_refine.pdbx_starting_model                      1K6F 
_refine.pdbx_stereochemistry_target_values       ? 
_refine.pdbx_R_Free_selection_details            ? 
_refine.pdbx_stereochem_target_val_spec_case     ? 
_refine.pdbx_overall_ESU_R                       0.180 
_refine.pdbx_overall_ESU_R_Free                  0.165 
_refine.pdbx_solvent_vdw_probe_radii             1.200 
_refine.pdbx_solvent_ion_probe_radii             0.800 
_refine.pdbx_solvent_shrinkage_radii             0.800 
_refine.pdbx_real_space_R                        ? 
_refine.pdbx_density_correlation                 ? 
_refine.pdbx_pd_number_of_powder_patterns        ? 
_refine.pdbx_pd_number_of_points                 ? 
_refine.pdbx_pd_meas_number_of_points            ? 
_refine.pdbx_pd_proc_ls_prof_R_factor            ? 
_refine.pdbx_pd_proc_ls_prof_wR_factor           ? 
_refine.pdbx_pd_Marquardt_correlation_coeff      ? 
_refine.pdbx_pd_Fsqrd_R_factor                   ? 
_refine.pdbx_pd_ls_matrix_band_width             ? 
_refine.pdbx_overall_phase_error                 ? 
_refine.pdbx_overall_SU_R_free_Cruickshank_DPI   ? 
_refine.pdbx_overall_SU_R_free_Blow_DPI          ? 
_refine.pdbx_overall_SU_R_Blow_DPI               ? 
_refine.pdbx_TLS_residual_ADP_flag               ? 
_refine.pdbx_diffrn_id                           1 
_refine.overall_SU_B                             5.293 
_refine.overall_SU_ML                            0.165 
_refine.overall_SU_R_Cruickshank_DPI             ? 
_refine.overall_SU_R_free                        ? 
_refine.overall_FOM_free_R_set                   ? 
_refine.overall_FOM_work_R_set                   ? 
_refine.pdbx_average_fsc_overall                 ? 
_refine.pdbx_average_fsc_work                    ? 
_refine.pdbx_average_fsc_free                    ? 
# 
_refine_hist.pdbx_refine_id                   'X-RAY DIFFRACTION' 
_refine_hist.cycle_id                         LAST 
_refine_hist.details                          ? 
_refine_hist.d_res_high                       1.750 
_refine_hist.d_res_low                        44.30 
_refine_hist.number_atoms_solvent             84 
_refine_hist.number_atoms_total               638 
_refine_hist.number_reflns_all                ? 
_refine_hist.number_reflns_obs                ? 
_refine_hist.number_reflns_R_free             ? 
_refine_hist.number_reflns_R_work             ? 
_refine_hist.R_factor_all                     ? 
_refine_hist.R_factor_obs                     ? 
_refine_hist.R_factor_R_free                  ? 
_refine_hist.R_factor_R_work                  ? 
_refine_hist.pdbx_number_residues_total       ? 
_refine_hist.pdbx_B_iso_mean_ligand           ? 
_refine_hist.pdbx_B_iso_mean_solvent          ? 
_refine_hist.pdbx_number_atoms_protein        554 
_refine_hist.pdbx_number_atoms_nucleic_acid   0 
_refine_hist.pdbx_number_atoms_ligand         0 
_refine_hist.pdbx_number_atoms_lipid          ? 
_refine_hist.pdbx_number_atoms_carb           ? 
_refine_hist.pdbx_pseudo_atom_details         ? 
# 
loop_
_refine_ls_restr.pdbx_refine_id 
_refine_ls_restr.criterion 
_refine_ls_restr.dev_ideal 
_refine_ls_restr.dev_ideal_target 
_refine_ls_restr.number 
_refine_ls_restr.rejects 
_refine_ls_restr.type 
_refine_ls_restr.weight 
_refine_ls_restr.pdbx_restraint_function 
'X-RAY DIFFRACTION' ? 0.008  0.012  589  ? r_bond_refined_d               ? ? 
'X-RAY DIFFRACTION' ? 0.001  0.017  513  ? r_bond_other_d                 ? ? 
'X-RAY DIFFRACTION' ? 1.489  1.807  828  ? r_angle_refined_deg            ? ? 
'X-RAY DIFFRACTION' ? 0.432  1.677  1245 ? r_angle_other_deg              ? ? 
'X-RAY DIFFRACTION' ? 5.711  5.000  81   ? r_dihedral_angle_1_deg         ? ? 
'X-RAY DIFFRACTION' ? 6.887  5.000  6    ? r_dihedral_angle_2_deg         ? ? 
'X-RAY DIFFRACTION' ? 9.992  10.000 36   ? r_dihedral_angle_3_deg         ? ? 
'X-RAY DIFFRACTION' ? 17.645 10.000 12   ? r_dihedral_angle_6_deg         ? ? 
'X-RAY DIFFRACTION' ? 0.061  0.200  76   ? r_chiral_restr                 ? ? 
'X-RAY DIFFRACTION' ? 0.007  0.020  704  ? r_gen_planes_refined           ? ? 
'X-RAY DIFFRACTION' ? 0.000  0.020  88   ? r_gen_planes_other             ? ? 
'X-RAY DIFFRACTION' ? 0.183  0.200  200  ? r_nbd_refined                  ? ? 
'X-RAY DIFFRACTION' ? 0.172  0.200  461  ? r_symmetry_nbd_other           ? ? 
'X-RAY DIFFRACTION' ? 0.164  0.200  314  ? r_nbtor_refined                ? ? 
'X-RAY DIFFRACTION' ? 0.089  0.200  233  ? r_symmetry_nbtor_other         ? ? 
'X-RAY DIFFRACTION' ? 0.195  0.200  31   ? r_xyhbond_nbd_refined          ? ? 
'X-RAY DIFFRACTION' ? 0.114  0.200  3    ? r_symmetry_nbd_refined         ? ? 
'X-RAY DIFFRACTION' ? 0.149  0.200  24   ? r_nbd_other                    ? ? 
'X-RAY DIFFRACTION' ? 0.181  0.200  16   ? r_symmetry_xyhbond_nbd_refined ? ? 
'X-RAY DIFFRACTION' ? 1.314  1.532  333  ? r_mcbond_it                    ? ? 
'X-RAY DIFFRACTION' ? 1.312  1.529  332  ? r_mcbond_other                 ? ? 
'X-RAY DIFFRACTION' ? 2.172  2.725  411  ? r_mcangle_it                   ? ? 
'X-RAY DIFFRACTION' ? 2.169  2.727  412  ? r_mcangle_other                ? ? 
'X-RAY DIFFRACTION' ? 1.646  1.832  256  ? r_scbond_it                    ? ? 
'X-RAY DIFFRACTION' ? 1.643  1.834  257  ? r_scbond_other                 ? ? 
'X-RAY DIFFRACTION' ? 2.615  3.227  417  ? r_scangle_it                   ? ? 
'X-RAY DIFFRACTION' ? 2.612  3.228  418  ? r_scangle_other                ? ? 
'X-RAY DIFFRACTION' ? 4.287  20.465 693  ? r_lrange_it                    ? ? 
'X-RAY DIFFRACTION' ? 4.133  16.965 671  ? r_lrange_other                 ? ? 
# 
loop_
_refine_ls_shell.pdbx_refine_id 
_refine_ls_shell.d_res_high 
_refine_ls_shell.d_res_low 
_refine_ls_shell.number_reflns_all 
_refine_ls_shell.number_reflns_obs 
_refine_ls_shell.number_reflns_R_free 
_refine_ls_shell.number_reflns_R_work 
_refine_ls_shell.percent_reflns_obs 
_refine_ls_shell.percent_reflns_R_free 
_refine_ls_shell.R_factor_all 
_refine_ls_shell.R_factor_obs 
_refine_ls_shell.R_factor_R_free_error 
_refine_ls_shell.R_factor_R_work 
_refine_ls_shell.redundancy_reflns_all 
_refine_ls_shell.redundancy_reflns_obs 
_refine_ls_shell.wR_factor_all 
_refine_ls_shell.wR_factor_obs 
_refine_ls_shell.wR_factor_R_free 
_refine_ls_shell.wR_factor_R_work 
_refine_ls_shell.pdbx_R_complete 
_refine_ls_shell.pdbx_total_number_of_bins_used 
_refine_ls_shell.pdbx_phase_error 
_refine_ls_shell.pdbx_fsc_work 
_refine_ls_shell.pdbx_fsc_free 
_refine_ls_shell.R_factor_R_free 
'X-RAY DIFFRACTION' 1.750 1.795 . . 19 445 99.7849  . . . . 0.280 . . . . . . . . . . . 0.343 
'X-RAY DIFFRACTION' 1.795 1.845 . . 23 436 99.3506  . . . . 0.288 . . . . . . . . . . . 0.333 
'X-RAY DIFFRACTION' 1.845 1.898 . . 14 418 100.0000 . . . . 0.251 . . . . . . . . . . . 0.341 
'X-RAY DIFFRACTION' 1.898 1.956 . . 29 417 99.5536  . . . . 0.248 . . . . . . . . . . . 0.309 
'X-RAY DIFFRACTION' 1.956 2.020 . . 14 408 100.0000 . . . . 0.246 . . . . . . . . . . . 0.323 
'X-RAY DIFFRACTION' 2.020 2.091 . . 18 376 99.7468  . . . . 0.240 . . . . . . . . . . . 0.338 
'X-RAY DIFFRACTION' 2.091 2.170 . . 19 378 100.0000 . . . . 0.239 . . . . . . . . . . . 0.408 
'X-RAY DIFFRACTION' 2.170 2.258 . . 14 371 99.4832  . . . . 0.226 . . . . . . . . . . . 0.244 
'X-RAY DIFFRACTION' 2.258 2.358 . . 17 346 100.0000 . . . . 0.240 . . . . . . . . . . . 0.242 
'X-RAY DIFFRACTION' 2.358 2.473 . . 18 326 99.4220  . . . . 0.256 . . . . . . . . . . . 0.332 
'X-RAY DIFFRACTION' 2.473 2.606 . . 17 313 100.0000 . . . . 0.274 . . . . . . . . . . . 0.316 
'X-RAY DIFFRACTION' 2.606 2.764 . . 16 291 99.6753  . . . . 0.223 . . . . . . . . . . . 0.407 
'X-RAY DIFFRACTION' 2.764 2.954 . . 14 294 99.6764  . . . . 0.207 . . . . . . . . . . . 0.370 
'X-RAY DIFFRACTION' 2.954 3.189 . . 17 264 100.0000 . . . . 0.218 . . . . . . . . . . . 0.191 
'X-RAY DIFFRACTION' 3.189 3.492 . . 16 244 99.6169  . . . . 0.224 . . . . . . . . . . . 0.228 
'X-RAY DIFFRACTION' 3.492 3.901 . . 11 219 99.5671  . . . . 0.192 . . . . . . . . . . . 0.180 
'X-RAY DIFFRACTION' 3.901 4.499 . . 10 204 100.0000 . . . . 0.211 . . . . . . . . . . . 0.225 
'X-RAY DIFFRACTION' 4.499 5.496 . . 3  174 100.0000 . . . . 0.267 . . . . . . . . . . . 0.382 
'X-RAY DIFFRACTION' 5.496 7.713 . . 8  138 99.3197  . . . . 0.284 . . . . . . . . . . . 0.288 
'X-RAY DIFFRACTION' 7.713 44.30 . . 2  89  98.9130  . . . . 0.448 . . . . . . . . . . . 0.085 
# 
_struct.entry_id                     9J23 
_struct.title                        'Structure of a triple-helix region of human Collagen type II from Trautec' 
_struct.pdbx_model_details           ? 
_struct.pdbx_formula_weight          ? 
_struct.pdbx_formula_weight_method   ? 
_struct.pdbx_model_type_details      ? 
_struct.pdbx_CASP_flag               N 
# 
_struct_keywords.entry_id        9J23 
_struct_keywords.text            'Human collagen II, Triple-helix, STRUCTURAL PROTEIN' 
_struct_keywords.pdbx_keywords   'STRUCTURAL PROTEIN' 
# 
loop_
_struct_asym.id 
_struct_asym.pdbx_blank_PDB_chainid_flag 
_struct_asym.pdbx_modified 
_struct_asym.entity_id 
_struct_asym.details 
A N N 1 ? 
B N N 1 ? 
C N N 1 ? 
D N N 2 ? 
E N N 2 ? 
F N N 2 ? 
# 
_struct_ref.id                         1 
_struct_ref.db_name                    PDB 
_struct_ref.db_code                    9J23 
_struct_ref.pdbx_db_accession          9J23 
_struct_ref.pdbx_db_isoform            ? 
_struct_ref.entity_id                  1 
_struct_ref.pdbx_seq_one_letter_code   ? 
_struct_ref.pdbx_align_begin           1 
# 
loop_
_struct_ref_seq.align_id 
_struct_ref_seq.ref_id 
_struct_ref_seq.pdbx_PDB_id_code 
_struct_ref_seq.pdbx_strand_id 
_struct_ref_seq.seq_align_beg 
_struct_ref_seq.pdbx_seq_align_beg_ins_code 
_struct_ref_seq.seq_align_end 
_struct_ref_seq.pdbx_seq_align_end_ins_code 
_struct_ref_seq.pdbx_db_accession 
_struct_ref_seq.db_align_beg 
_struct_ref_seq.pdbx_db_align_beg_ins_code 
_struct_ref_seq.db_align_end 
_struct_ref_seq.pdbx_db_align_end_ins_code 
_struct_ref_seq.pdbx_auth_seq_align_beg 
_struct_ref_seq.pdbx_auth_seq_align_end 
1 1 9J23 A 1 ? 30 ? 9J23 1 ? 30 ? 1 30 
2 1 9J23 B 1 ? 30 ? 9J23 1 ? 30 ? 1 30 
3 1 9J23 C 1 ? 30 ? 9J23 1 ? 30 ? 1 30 
# 
_pdbx_struct_assembly.id                   1 
_pdbx_struct_assembly.details              author_and_software_defined_assembly 
_pdbx_struct_assembly.method_details       PISA 
_pdbx_struct_assembly.oligomeric_details   trimeric 
_pdbx_struct_assembly.oligomeric_count     3 
# 
loop_
_pdbx_struct_assembly_prop.biol_id 
_pdbx_struct_assembly_prop.type 
_pdbx_struct_assembly_prop.value 
_pdbx_struct_assembly_prop.details 
1 'ABSA (A^2)' 5410 ? 
1 MORE         -23  ? 
1 'SSA (A^2)'  5000 ? 
# 
_pdbx_struct_assembly_gen.assembly_id       1 
_pdbx_struct_assembly_gen.oper_expression   1 
_pdbx_struct_assembly_gen.asym_id_list      A,B,C,D,E,F 
# 
_pdbx_struct_assembly_auth_evidence.id                     1 
_pdbx_struct_assembly_auth_evidence.assembly_id            1 
_pdbx_struct_assembly_auth_evidence.experimental_support   homology 
_pdbx_struct_assembly_auth_evidence.details                ? 
# 
_pdbx_struct_oper_list.id                   1 
_pdbx_struct_oper_list.type                 'identity operation' 
_pdbx_struct_oper_list.name                 1_555 
_pdbx_struct_oper_list.symmetry_operation   x,y,z 
_pdbx_struct_oper_list.matrix[1][1]         1.0000000000 
_pdbx_struct_oper_list.matrix[1][2]         0.0000000000 
_pdbx_struct_oper_list.matrix[1][3]         0.0000000000 
_pdbx_struct_oper_list.vector[1]            0.0000000000 
_pdbx_struct_oper_list.matrix[2][1]         0.0000000000 
_pdbx_struct_oper_list.matrix[2][2]         1.0000000000 
_pdbx_struct_oper_list.matrix[2][3]         0.0000000000 
_pdbx_struct_oper_list.vector[2]            0.0000000000 
_pdbx_struct_oper_list.matrix[3][1]         0.0000000000 
_pdbx_struct_oper_list.matrix[3][2]         0.0000000000 
_pdbx_struct_oper_list.matrix[3][3]         1.0000000000 
_pdbx_struct_oper_list.vector[3]            0.0000000000 
# 
loop_
_struct_conn.id 
_struct_conn.conn_type_id 
_struct_conn.pdbx_leaving_atom_flag 
_struct_conn.pdbx_PDB_id 
_struct_conn.ptnr1_label_asym_id 
_struct_conn.ptnr1_label_comp_id 
_struct_conn.ptnr1_label_seq_id 
_struct_conn.ptnr1_label_atom_id 
_struct_conn.pdbx_ptnr1_label_alt_id 
_struct_conn.pdbx_ptnr1_PDB_ins_code 
_struct_conn.pdbx_ptnr1_standard_comp_id 
_struct_conn.ptnr1_symmetry 
_struct_conn.ptnr2_label_asym_id 
_struct_conn.ptnr2_label_comp_id 
_struct_conn.ptnr2_label_seq_id 
_struct_conn.ptnr2_label_atom_id 
_struct_conn.pdbx_ptnr2_label_alt_id 
_struct_conn.pdbx_ptnr2_PDB_ins_code 
_struct_conn.ptnr1_auth_asym_id 
_struct_conn.ptnr1_auth_comp_id 
_struct_conn.ptnr1_auth_seq_id 
_struct_conn.ptnr2_auth_asym_id 
_struct_conn.ptnr2_auth_comp_id 
_struct_conn.ptnr2_auth_seq_id 
_struct_conn.ptnr2_symmetry 
_struct_conn.pdbx_ptnr3_label_atom_id 
_struct_conn.pdbx_ptnr3_label_seq_id 
_struct_conn.pdbx_ptnr3_label_comp_id 
_struct_conn.pdbx_ptnr3_label_asym_id 
_struct_conn.pdbx_ptnr3_label_alt_id 
_struct_conn.pdbx_ptnr3_PDB_ins_code 
_struct_conn.details 
_struct_conn.pdbx_dist_value 
_struct_conn.pdbx_value_order 
_struct_conn.pdbx_role 
covale1  covale both ? A HYP 2  C ? ? ? 1_555 A GLY 3  N ? ? A HYP 2  A GLY 3  1_555 ? ? ? ? ? ? ? 1.336 ? ? 
covale2  covale both ? A PRO 4  C ? ? ? 1_555 A HYP 5  N ? ? A PRO 4  A HYP 5  1_555 ? ? ? ? ? ? ? 1.350 ? ? 
covale3  covale both ? A HYP 5  C ? ? ? 1_555 A GLY 6  N ? ? A HYP 5  A GLY 6  1_555 ? ? ? ? ? ? ? 1.347 ? ? 
covale4  covale both ? A PRO 7  C ? ? ? 1_555 A HYP 8  N ? ? A PRO 7  A HYP 8  1_555 ? ? ? ? ? ? ? 1.348 ? ? 
covale5  covale both ? A HYP 8  C ? ? ? 1_555 A GLY 9  N ? ? A HYP 8  A GLY 9  1_555 ? ? ? ? ? ? ? 1.336 ? ? 
covale6  covale both ? A PRO 22 C ? ? ? 1_555 A HYP 23 N ? ? A PRO 22 A HYP 23 1_555 ? ? ? ? ? ? ? 1.349 ? ? 
covale7  covale both ? A HYP 23 C ? ? ? 1_555 A GLY 24 N ? ? A HYP 23 A GLY 24 1_555 ? ? ? ? ? ? ? 1.334 ? ? 
covale8  covale both ? A PRO 25 C ? ? ? 1_555 A HYP 26 N ? ? A PRO 25 A HYP 26 1_555 ? ? ? ? ? ? ? 1.350 ? ? 
covale9  covale both ? A HYP 26 C ? ? ? 1_555 A GLY 27 N ? ? A HYP 26 A GLY 27 1_555 ? ? ? ? ? ? ? 1.335 ? ? 
covale10 covale both ? A PRO 28 C ? ? ? 1_555 A HYP 29 N ? ? A PRO 28 A HYP 29 1_555 ? ? ? ? ? ? ? 1.349 ? ? 
covale11 covale both ? A HYP 29 C ? ? ? 1_555 A GLY 30 N ? ? A HYP 29 A GLY 30 1_555 ? ? ? ? ? ? ? 1.345 ? ? 
covale12 covale both ? B HYP 2  C ? ? ? 1_555 B GLY 3  N ? ? B HYP 2  B GLY 3  1_555 ? ? ? ? ? ? ? 1.326 ? ? 
covale13 covale both ? B PRO 4  C ? ? ? 1_555 B HYP 5  N ? ? B PRO 4  B HYP 5  1_555 ? ? ? ? ? ? ? 1.352 ? ? 
covale14 covale both ? B HYP 5  C ? ? ? 1_555 B GLY 6  N ? ? B HYP 5  B GLY 6  1_555 ? ? ? ? ? ? ? 1.346 ? ? 
covale15 covale both ? B PRO 7  C ? ? ? 1_555 B HYP 8  N ? ? B PRO 7  B HYP 8  1_555 ? ? ? ? ? ? ? 1.348 ? ? 
covale16 covale both ? B HYP 8  C ? ? ? 1_555 B GLY 9  N ? ? B HYP 8  B GLY 9  1_555 ? ? ? ? ? ? ? 1.337 ? ? 
covale17 covale both ? B PRO 22 C ? ? ? 1_555 B HYP 23 N ? ? B PRO 22 B HYP 23 1_555 ? ? ? ? ? ? ? 1.356 ? ? 
covale18 covale both ? B HYP 23 C ? ? ? 1_555 B GLY 24 N ? ? B HYP 23 B GLY 24 1_555 ? ? ? ? ? ? ? 1.323 ? ? 
covale19 covale both ? B PRO 25 C ? ? ? 1_555 B HYP 26 N ? ? B PRO 25 B HYP 26 1_555 ? ? ? ? ? ? ? 1.357 ? ? 
covale20 covale both ? B HYP 26 C ? ? ? 1_555 B GLY 27 N ? ? B HYP 26 B GLY 27 1_555 ? ? ? ? ? ? ? 1.332 ? ? 
covale21 covale both ? B PRO 28 C ? ? ? 1_555 B HYP 29 N ? ? B PRO 28 B HYP 29 1_555 ? ? ? ? ? ? ? 1.356 ? ? 
covale22 covale both ? C PRO 1  C ? ? ? 1_555 C HYP 2  N ? ? C PRO 1  C HYP 2  1_555 ? ? ? ? ? ? ? 1.357 ? ? 
covale23 covale both ? C HYP 2  C ? ? ? 1_555 C GLY 3  N ? ? C HYP 2  C GLY 3  1_555 ? ? ? ? ? ? ? 1.335 ? ? 
covale24 covale both ? C PRO 4  C ? ? ? 1_555 C HYP 5  N ? ? C PRO 4  C HYP 5  1_555 ? ? ? ? ? ? ? 1.352 ? ? 
covale25 covale both ? C HYP 5  C ? ? ? 1_555 C GLY 6  N ? ? C HYP 5  C GLY 6  1_555 ? ? ? ? ? ? ? 1.322 ? ? 
covale26 covale both ? C PRO 7  C ? ? ? 1_555 C HYP 8  N ? ? C PRO 7  C HYP 8  1_555 ? ? ? ? ? ? ? 1.347 ? ? 
covale27 covale both ? C HYP 8  C ? ? ? 1_555 C GLY 9  N ? ? C HYP 8  C GLY 9  1_555 ? ? ? ? ? ? ? 1.337 ? ? 
covale28 covale both ? C PRO 22 C ? ? ? 1_555 C HYP 23 N ? ? C PRO 22 C HYP 23 1_555 ? ? ? ? ? ? ? 1.345 ? ? 
covale29 covale both ? C HYP 23 C ? ? ? 1_555 C GLY 24 N ? ? C HYP 23 C GLY 24 1_555 ? ? ? ? ? ? ? 1.328 ? ? 
covale30 covale both ? C PRO 25 C ? ? ? 1_555 C HYP 26 N ? ? C PRO 25 C HYP 26 1_555 ? ? ? ? ? ? ? 1.355 ? ? 
covale31 covale both ? C HYP 26 C ? ? ? 1_555 C GLY 27 N ? ? C HYP 26 C GLY 27 1_555 ? ? ? ? ? ? ? 1.345 ? ? 
# 
_struct_conn_type.id          covale 
_struct_conn_type.criteria    ? 
_struct_conn_type.reference   ? 
# 
_pdbx_entry_details.entry_id                 9J23 
_pdbx_entry_details.has_ligand_of_interest   Y 
_pdbx_entry_details.compound_details         ? 
_pdbx_entry_details.source_details           ? 
_pdbx_entry_details.nonpolymer_details       ? 
_pdbx_entry_details.sequence_details         ? 
# 
loop_
_pdbx_unobs_or_zero_occ_residues.id 
_pdbx_unobs_or_zero_occ_residues.PDB_model_num 
_pdbx_unobs_or_zero_occ_residues.polymer_flag 
_pdbx_unobs_or_zero_occ_residues.occupancy_flag 
_pdbx_unobs_or_zero_occ_residues.auth_asym_id 
_pdbx_unobs_or_zero_occ_residues.auth_comp_id 
_pdbx_unobs_or_zero_occ_residues.auth_seq_id 
_pdbx_unobs_or_zero_occ_residues.PDB_ins_code 
_pdbx_unobs_or_zero_occ_residues.label_asym_id 
_pdbx_unobs_or_zero_occ_residues.label_comp_id 
_pdbx_unobs_or_zero_occ_residues.label_seq_id 
1 1 Y 1 A PRO 1  ? A PRO 1  
2 1 Y 1 B PRO 1  ? B PRO 1  
3 1 Y 1 B GLY 30 ? B GLY 30 
4 1 Y 1 C PRO 28 ? C PRO 28 
5 1 Y 1 C HYP 29 ? C HYP 29 
6 1 Y 1 C GLY 30 ? C GLY 30 
# 
loop_
_chem_comp_atom.comp_id 
_chem_comp_atom.atom_id 
_chem_comp_atom.type_symbol 
_chem_comp_atom.pdbx_aromatic_flag 
_chem_comp_atom.pdbx_stereo_config 
_chem_comp_atom.pdbx_ordinal 
ALA N    N N N 1   
ALA CA   C N S 2   
ALA C    C N N 3   
ALA O    O N N 4   
ALA CB   C N N 5   
ALA OXT  O N N 6   
ALA H    H N N 7   
ALA H2   H N N 8   
ALA HA   H N N 9   
ALA HB1  H N N 10  
ALA HB2  H N N 11  
ALA HB3  H N N 12  
ALA HXT  H N N 13  
ARG N    N N N 14  
ARG CA   C N S 15  
ARG C    C N N 16  
ARG O    O N N 17  
ARG CB   C N N 18  
ARG CG   C N N 19  
ARG CD   C N N 20  
ARG NE   N N N 21  
ARG CZ   C N N 22  
ARG NH1  N N N 23  
ARG NH2  N N N 24  
ARG OXT  O N N 25  
ARG H    H N N 26  
ARG H2   H N N 27  
ARG HA   H N N 28  
ARG HB2  H N N 29  
ARG HB3  H N N 30  
ARG HG2  H N N 31  
ARG HG3  H N N 32  
ARG HD2  H N N 33  
ARG HD3  H N N 34  
ARG HE   H N N 35  
ARG HH11 H N N 36  
ARG HH12 H N N 37  
ARG HH21 H N N 38  
ARG HH22 H N N 39  
ARG HXT  H N N 40  
GLN N    N N N 41  
GLN CA   C N S 42  
GLN C    C N N 43  
GLN O    O N N 44  
GLN CB   C N N 45  
GLN CG   C N N 46  
GLN CD   C N N 47  
GLN OE1  O N N 48  
GLN NE2  N N N 49  
GLN OXT  O N N 50  
GLN H    H N N 51  
GLN H2   H N N 52  
GLN HA   H N N 53  
GLN HB2  H N N 54  
GLN HB3  H N N 55  
GLN HG2  H N N 56  
GLN HG3  H N N 57  
GLN HE21 H N N 58  
GLN HE22 H N N 59  
GLN HXT  H N N 60  
GLY N    N N N 61  
GLY CA   C N N 62  
GLY C    C N N 63  
GLY O    O N N 64  
GLY OXT  O N N 65  
GLY H    H N N 66  
GLY H2   H N N 67  
GLY HA2  H N N 68  
GLY HA3  H N N 69  
GLY HXT  H N N 70  
HOH O    O N N 71  
HOH H1   H N N 72  
HOH H2   H N N 73  
HYP N    N N N 74  
HYP CA   C N S 75  
HYP C    C N N 76  
HYP O    O N N 77  
HYP CB   C N N 78  
HYP CG   C N R 79  
HYP CD   C N N 80  
HYP OD1  O N N 81  
HYP OXT  O N N 82  
HYP H    H N N 83  
HYP HA   H N N 84  
HYP HB2  H N N 85  
HYP HB3  H N N 86  
HYP HG   H N N 87  
HYP HD22 H N N 88  
HYP HD23 H N N 89  
HYP HD1  H N N 90  
HYP HXT  H N N 91  
ILE N    N N N 92  
ILE CA   C N S 93  
ILE C    C N N 94  
ILE O    O N N 95  
ILE CB   C N S 96  
ILE CG1  C N N 97  
ILE CG2  C N N 98  
ILE CD1  C N N 99  
ILE OXT  O N N 100 
ILE H    H N N 101 
ILE H2   H N N 102 
ILE HA   H N N 103 
ILE HB   H N N 104 
ILE HG12 H N N 105 
ILE HG13 H N N 106 
ILE HG21 H N N 107 
ILE HG22 H N N 108 
ILE HG23 H N N 109 
ILE HD11 H N N 110 
ILE HD12 H N N 111 
ILE HD13 H N N 112 
ILE HXT  H N N 113 
PRO N    N N N 114 
PRO CA   C N S 115 
PRO C    C N N 116 
PRO O    O N N 117 
PRO CB   C N N 118 
PRO CG   C N N 119 
PRO CD   C N N 120 
PRO OXT  O N N 121 
PRO H    H N N 122 
PRO HA   H N N 123 
PRO HB2  H N N 124 
PRO HB3  H N N 125 
PRO HG2  H N N 126 
PRO HG3  H N N 127 
PRO HD2  H N N 128 
PRO HD3  H N N 129 
PRO HXT  H N N 130 
# 
loop_
_chem_comp_bond.comp_id 
_chem_comp_bond.atom_id_1 
_chem_comp_bond.atom_id_2 
_chem_comp_bond.value_order 
_chem_comp_bond.pdbx_aromatic_flag 
_chem_comp_bond.pdbx_stereo_config 
_chem_comp_bond.pdbx_ordinal 
ALA N   CA   sing N N 1   
ALA N   H    sing N N 2   
ALA N   H2   sing N N 3   
ALA CA  C    sing N N 4   
ALA CA  CB   sing N N 5   
ALA CA  HA   sing N N 6   
ALA C   O    doub N N 7   
ALA C   OXT  sing N N 8   
ALA CB  HB1  sing N N 9   
ALA CB  HB2  sing N N 10  
ALA CB  HB3  sing N N 11  
ALA OXT HXT  sing N N 12  
ARG N   CA   sing N N 13  
ARG N   H    sing N N 14  
ARG N   H2   sing N N 15  
ARG CA  C    sing N N 16  
ARG CA  CB   sing N N 17  
ARG CA  HA   sing N N 18  
ARG C   O    doub N N 19  
ARG C   OXT  sing N N 20  
ARG CB  CG   sing N N 21  
ARG CB  HB2  sing N N 22  
ARG CB  HB3  sing N N 23  
ARG CG  CD   sing N N 24  
ARG CG  HG2  sing N N 25  
ARG CG  HG3  sing N N 26  
ARG CD  NE   sing N N 27  
ARG CD  HD2  sing N N 28  
ARG CD  HD3  sing N N 29  
ARG NE  CZ   sing N N 30  
ARG NE  HE   sing N N 31  
ARG CZ  NH1  sing N N 32  
ARG CZ  NH2  doub N N 33  
ARG NH1 HH11 sing N N 34  
ARG NH1 HH12 sing N N 35  
ARG NH2 HH21 sing N N 36  
ARG NH2 HH22 sing N N 37  
ARG OXT HXT  sing N N 38  
GLN N   CA   sing N N 39  
GLN N   H    sing N N 40  
GLN N   H2   sing N N 41  
GLN CA  C    sing N N 42  
GLN CA  CB   sing N N 43  
GLN CA  HA   sing N N 44  
GLN C   O    doub N N 45  
GLN C   OXT  sing N N 46  
GLN CB  CG   sing N N 47  
GLN CB  HB2  sing N N 48  
GLN CB  HB3  sing N N 49  
GLN CG  CD   sing N N 50  
GLN CG  HG2  sing N N 51  
GLN CG  HG3  sing N N 52  
GLN CD  OE1  doub N N 53  
GLN CD  NE2  sing N N 54  
GLN NE2 HE21 sing N N 55  
GLN NE2 HE22 sing N N 56  
GLN OXT HXT  sing N N 57  
GLY N   CA   sing N N 58  
GLY N   H    sing N N 59  
GLY N   H2   sing N N 60  
GLY CA  C    sing N N 61  
GLY CA  HA2  sing N N 62  
GLY CA  HA3  sing N N 63  
GLY C   O    doub N N 64  
GLY C   OXT  sing N N 65  
GLY OXT HXT  sing N N 66  
HOH O   H1   sing N N 67  
HOH O   H2   sing N N 68  
HYP N   CA   sing N N 69  
HYP N   CD   sing N N 70  
HYP N   H    sing N N 71  
HYP CA  C    sing N N 72  
HYP CA  CB   sing N N 73  
HYP CA  HA   sing N N 74  
HYP C   O    doub N N 75  
HYP C   OXT  sing N N 76  
HYP CB  CG   sing N N 77  
HYP CB  HB2  sing N N 78  
HYP CB  HB3  sing N N 79  
HYP CG  CD   sing N N 80  
HYP CG  OD1  sing N N 81  
HYP CG  HG   sing N N 82  
HYP CD  HD22 sing N N 83  
HYP CD  HD23 sing N N 84  
HYP OD1 HD1  sing N N 85  
HYP OXT HXT  sing N N 86  
ILE N   CA   sing N N 87  
ILE N   H    sing N N 88  
ILE N   H2   sing N N 89  
ILE CA  C    sing N N 90  
ILE CA  CB   sing N N 91  
ILE CA  HA   sing N N 92  
ILE C   O    doub N N 93  
ILE C   OXT  sing N N 94  
ILE CB  CG1  sing N N 95  
ILE CB  CG2  sing N N 96  
ILE CB  HB   sing N N 97  
ILE CG1 CD1  sing N N 98  
ILE CG1 HG12 sing N N 99  
ILE CG1 HG13 sing N N 100 
ILE CG2 HG21 sing N N 101 
ILE CG2 HG22 sing N N 102 
ILE CG2 HG23 sing N N 103 
ILE CD1 HD11 sing N N 104 
ILE CD1 HD12 sing N N 105 
ILE CD1 HD13 sing N N 106 
ILE OXT HXT  sing N N 107 
PRO N   CA   sing N N 108 
PRO N   CD   sing N N 109 
PRO N   H    sing N N 110 
PRO CA  C    sing N N 111 
PRO CA  CB   sing N N 112 
PRO CA  HA   sing N N 113 
PRO C   O    doub N N 114 
PRO C   OXT  sing N N 115 
PRO CB  CG   sing N N 116 
PRO CB  HB2  sing N N 117 
PRO CB  HB3  sing N N 118 
PRO CG  CD   sing N N 119 
PRO CG  HG2  sing N N 120 
PRO CG  HG3  sing N N 121 
PRO CD  HD2  sing N N 122 
PRO CD  HD3  sing N N 123 
PRO OXT HXT  sing N N 124 
# 
_pdbx_audit_support.funding_organization   'Jiangsu Trautec Medical Technology Co.,Ltd' 
_pdbx_audit_support.country                ? 
_pdbx_audit_support.grant_number           CQ20230004/CE20235002/CQ20230005 
_pdbx_audit_support.ordinal                1 
# 
_pdbx_entity_instance_feature.ordinal        1 
_pdbx_entity_instance_feature.comp_id        HYP 
_pdbx_entity_instance_feature.asym_id        ? 
_pdbx_entity_instance_feature.seq_num        ? 
_pdbx_entity_instance_feature.auth_comp_id   HYP 
_pdbx_entity_instance_feature.auth_asym_id   ? 
_pdbx_entity_instance_feature.auth_seq_num   ? 
_pdbx_entity_instance_feature.feature_type   'SUBJECT OF INVESTIGATION' 
_pdbx_entity_instance_feature.details        ? 
# 
_pdbx_initial_refinement_model.id               1 
_pdbx_initial_refinement_model.entity_id_list   ? 
_pdbx_initial_refinement_model.type             'experimental model' 
_pdbx_initial_refinement_model.source_name      PDB 
_pdbx_initial_refinement_model.accession_code   1K6F 
_pdbx_initial_refinement_model.details          ? 
# 
_atom_sites.entry_id                    9J23 
_atom_sites.Cartn_transf_matrix[1][1]   ? 
_atom_sites.Cartn_transf_matrix[1][2]   ? 
_atom_sites.Cartn_transf_matrix[1][3]   ? 
_atom_sites.Cartn_transf_matrix[2][1]   ? 
_atom_sites.Cartn_transf_matrix[2][2]   ? 
_atom_sites.Cartn_transf_matrix[2][3]   ? 
_atom_sites.Cartn_transf_matrix[3][1]   ? 
_atom_sites.Cartn_transf_matrix[3][2]   ? 
_atom_sites.Cartn_transf_matrix[3][3]   ? 
_atom_sites.Cartn_transf_vector[1]      ? 
_atom_sites.Cartn_transf_vector[2]      ? 
_atom_sites.Cartn_transf_vector[3]      ? 
_atom_sites.Cartn_transform_axes        ? 
_atom_sites.fract_transf_matrix[1][1]   -0.02602825 
_atom_sites.fract_transf_matrix[1][2]   0.00391041 
_atom_sites.fract_transf_matrix[1][3]   0.01222663 
_atom_sites.fract_transf_matrix[2][1]   0.00633663 
_atom_sites.fract_transf_matrix[2][2]   0.04943651 
_atom_sites.fract_transf_matrix[2][3]   -0.00232163 
_atom_sites.fract_transf_matrix[3][1]   -0.01292822 
_atom_sites.fract_transf_matrix[3][2]   0.00078902 
_atom_sites.fract_transf_matrix[3][3]   -0.01848482 
_atom_sites.fract_transf_vector[1]      0.416550 
_atom_sites.fract_transf_vector[2]      -0.142852 
_atom_sites.fract_transf_vector[3]      0.048810 
_atom_sites.solution_primary            ? 
_atom_sites.solution_secondary          ? 
_atom_sites.solution_hydrogens          ? 
_atom_sites.special_details             ? 
# 
loop_
_atom_type.symbol 
_atom_type.pdbx_scat_Z 
_atom_type.pdbx_N_electrons 
_atom_type.scat_Cromer_Mann_a1 
_atom_type.scat_Cromer_Mann_b1 
_atom_type.scat_Cromer_Mann_a2 
_atom_type.scat_Cromer_Mann_b2 
_atom_type.scat_Cromer_Mann_a3 
_atom_type.scat_Cromer_Mann_b3 
_atom_type.scat_Cromer_Mann_a4 
_atom_type.scat_Cromer_Mann_b4 
C 6 6 2.3103  20.8439 1.0201 10.2075 1.5888 0.5687  0.8651 51.6512 
H 1 1 0.4930  10.5109 0.3229 26.1257 0.1402 3.1424  0.0408 57.7997 
N 7 7 12.2220 0.0057  3.1346 9.8933  2.0141 28.9975 1.1672 0.5826  
O 8 8 3.0487  13.2771 2.2870 5.7011  1.5464 0.3239  0.8671 32.9089 
# 
loop_
_atom_site.group_PDB 
_atom_site.id 
_atom_site.type_symbol 
_atom_site.label_atom_id 
_atom_site.label_alt_id 
_atom_site.label_comp_id 
_atom_site.label_asym_id 
_atom_site.label_entity_id 
_atom_site.label_seq_id 
_atom_site.pdbx_PDB_ins_code 
_atom_site.Cartn_x 
_atom_site.Cartn_y 
_atom_site.Cartn_z 
_atom_site.occupancy 
_atom_site.B_iso_or_equiv 
_atom_site.pdbx_formal_charge 
_atom_site.auth_seq_id 
_atom_site.auth_comp_id 
_atom_site.auth_asym_id 
_atom_site.auth_atom_id 
_atom_site.pdbx_PDB_model_num 
_atom_site.calc_flag 
HETATM 1   N N   . HYP A 1 2  ? 27.032  -3.668 31.199  1.000 36.109 0 2   HYP A N   1 ? 
HETATM 2   C CA  . HYP A 1 2  ? 26.672  -3.605 29.735  1.000 33.433 0 2   HYP A CA  1 ? 
HETATM 3   C C   . HYP A 1 2  ? 26.288  -2.190 29.305  1.000 29.712 0 2   HYP A C   1 ? 
HETATM 4   O O   . HYP A 1 2  ? 25.781  -1.391 30.092  1.000 24.972 0 2   HYP A O   1 ? 
HETATM 5   C CB  . HYP A 1 2  ? 25.486  -4.569 29.557  1.000 34.207 0 2   HYP A CB  1 ? 
HETATM 6   C CG  . HYP A 1 2  ? 25.571  -5.515 30.740  1.000 36.952 0 2   HYP A CG  1 ? 
HETATM 7   C CD  . HYP A 1 2  ? 26.113  -4.654 31.873  1.000 38.097 0 2   HYP A CD  1 ? 
HETATM 8   O OD1 . HYP A 1 2  ? 26.519  -6.529 30.440  1.000 36.493 0 2   HYP A OD1 1 ? 
ATOM   9   N N   . GLY A 1 3  ? 26.485  -1.919 28.012  1.000 29.724 0 3   GLY A N   1 ? 
ATOM   10  C CA  . GLY A 1 3  ? 26.200  -0.610 27.449  1.000 27.313 0 3   GLY A CA  1 ? 
ATOM   11  C C   . GLY A 1 3  ? 24.701  -0.360 27.289  1.000 24.001 0 3   GLY A C   1 ? 
ATOM   12  O O   . GLY A 1 3  ? 23.854  -1.225 27.565  1.000 22.941 0 3   GLY A O   1 ? 
ATOM   13  N N   . PRO A 1 4  ? 24.329  0.844  26.800  1.000 21.272 0 4   PRO A N   1 ? 
ATOM   14  C CA  . PRO A 1 4  ? 22.937  1.126  26.501  1.000 19.940 0 4   PRO A CA  1 ? 
ATOM   15  C C   . PRO A 1 4  ? 22.481  0.345  25.271  1.000 19.891 0 4   PRO A C   1 ? 
ATOM   16  O O   . PRO A 1 4  ? 23.327  -0.161 24.507  1.000 17.648 0 4   PRO A O   1 ? 
ATOM   17  C CB  . PRO A 1 4  ? 22.891  2.636  26.331  1.000 20.596 0 4   PRO A CB  1 ? 
ATOM   18  C CG  . PRO A 1 4  ? 24.317  3.116  26.455  1.000 22.092 0 4   PRO A CG  1 ? 
ATOM   19  C CD  . PRO A 1 4  ? 25.234  1.949  26.472  1.000 21.096 0 4   PRO A CD  1 ? 
HETATM 20  N N   . HYP A 1 5  ? 21.155  0.157  25.096  1.000 17.666 0 5   HYP A N   1 ? 
HETATM 21  C CA  . HYP A 1 5  ? 20.651  -0.487 23.896  1.000 16.673 0 5   HYP A CA  1 ? 
HETATM 22  C C   . HYP A 1 5  ? 21.182  0.179  22.621  1.000 15.585 0 5   HYP A C   1 ? 
HETATM 23  O O   . HYP A 1 5  ? 21.542  1.366  22.622  1.000 14.558 0 5   HYP A O   1 ? 
HETATM 24  C CB  . HYP A 1 5  ? 19.125  -0.346 24.031  1.000 17.078 0 5   HYP A CB  1 ? 
HETATM 25  C CG  . HYP A 1 5  ? 18.882  -0.134 25.523  1.000 17.698 0 5   HYP A CG  1 ? 
HETATM 26  C CD  . HYP A 1 5  ? 20.078  0.660  25.973  1.000 17.353 0 5   HYP A CD  1 ? 
HETATM 27  O OD1 . HYP A 1 5  ? 18.820  -1.415 26.141  1.000 17.468 0 5   HYP A OD1 1 ? 
ATOM   28  N N   . GLY A 1 6  ? 21.262  -0.607 21.531  1.000 13.100 0 6   GLY A N   1 ? 
ATOM   29  C CA  . GLY A 1 6  ? 21.714  -0.085 20.252  1.000 12.750 0 6   GLY A CA  1 ? 
ATOM   30  C C   . GLY A 1 6  ? 20.694  0.853  19.603  1.000 12.292 0 6   GLY A C   1 ? 
ATOM   31  O O   . GLY A 1 6  ? 19.599  1.108  20.126  1.000 12.211 0 6   GLY A O   1 ? 
ATOM   32  N N   . PRO A 1 7  ? 21.031  1.434  18.436  1.000 11.799 0 7   PRO A N   1 ? 
ATOM   33  C CA  . PRO A 1 7  ? 20.116  2.317  17.722  1.000 12.009 0 7   PRO A CA  1 ? 
ATOM   34  C C   . PRO A 1 7  ? 18.815  1.638  17.306  1.000 11.723 0 7   PRO A C   1 ? 
ATOM   35  O O   . PRO A 1 7  ? 18.794  0.434  17.053  1.000 10.573 0 7   PRO A O   1 ? 
ATOM   36  C CB  . PRO A 1 7  ? 20.887  2.765  16.498  1.000 12.548 0 7   PRO A CB  1 ? 
ATOM   37  C CG  . PRO A 1 7  ? 22.334  2.427  16.804  1.000 13.582 0 7   PRO A CG  1 ? 
ATOM   38  C CD  . PRO A 1 7  ? 22.335  1.277  17.769  1.000 12.986 0 7   PRO A CD  1 ? 
HETATM 39  N N   . HYP A 1 8  ? 17.702  2.381  17.141  1.000 12.322 0 8   HYP A N   1 ? 
HETATM 40  C CA  . HYP A 1 8  ? 16.522  1.813  16.499  1.000 12.387 0 8   HYP A CA  1 ? 
HETATM 41  C C   . HYP A 1 8  ? 16.824  1.157  15.146  1.000 11.616 0 8   HYP A C   1 ? 
HETATM 42  O O   . HYP A 1 8  ? 17.743  1.577  14.426  1.000 12.329 0 8   HYP A O   1 ? 
HETATM 43  C CB  . HYP A 1 8  ? 15.561  3.037  16.397  1.000 12.922 0 8   HYP A CB  1 ? 
HETATM 44  C CG  . HYP A 1 8  ? 15.998  3.926  17.549  1.000 13.391 0 8   HYP A CG  1 ? 
HETATM 45  C CD  . HYP A 1 8  ? 17.508  3.797  17.519  1.000 13.311 0 8   HYP A CD  1 ? 
HETATM 46  O OD1 . HYP A 1 8  ? 15.595  3.371  18.797  1.000 16.713 0 8   HYP A OD1 1 ? 
ATOM   47  N N   . GLY A 1 9  ? 16.065  0.108  14.817  1.000 11.643 0 9   GLY A N   1 ? 
ATOM   48  C CA  . GLY A 1 9  ? 16.172  -0.565 13.534  1.000 11.800 0 9   GLY A CA  1 ? 
ATOM   49  C C   . GLY A 1 9  ? 15.739  0.364  12.390  1.000 11.529 0 9   GLY A C   1 ? 
ATOM   50  O O   . GLY A 1 9  ? 15.082  1.385  12.622  1.000 12.411 0 9   GLY A O   1 ? 
ATOM   51  N N   . ALA A 1 10 ? 16.048  -0.028 11.155  1.000 11.975 0 10  ALA A N   1 ? 
ATOM   52  C CA  . ALA A 1 10 ? 15.647  0.729  9.974   1.000 13.145 0 10  ALA A CA  1 ? 
ATOM   53  C C   . ALA A 1 10 ? 14.126  0.661  9.801   1.000 13.646 0 10  ALA A C   1 ? 
ATOM   54  O O   . ALA A 1 10 ? 13.495  -0.334 10.164  1.000 12.397 0 10  ALA A O   1 ? 
ATOM   55  C CB  . ALA A 1 10 ? 16.359  0.176  8.763   1.000 13.906 0 10  ALA A CB  1 ? 
ATOM   56  N N   . ARG A 1 11 ? 13.539  1.713  9.212   1.000 14.670 0 11  ARG A N   1 ? 
ATOM   57  C CA  . ARG A 1 11 ? 12.137  1.670  8.815   1.000 16.051 0 11  ARG A CA  1 ? 
ATOM   58  C C   . ARG A 1 11 ? 11.924  0.586  7.753   1.000 15.203 0 11  ARG A C   1 ? 
ATOM   59  O O   . ARG A 1 11 ? 12.804  0.311  6.945   1.000 15.270 0 11  ARG A O   1 ? 
ATOM   60  C CB  . ARG A 1 11 ? 11.693  3.059  8.335   1.000 17.227 0 11  ARG A CB  1 ? 
ATOM   61  C CG  . ARG A 1 11 ? 10.218  3.132  8.012   1.000 17.289 0 11  ARG A CG  1 ? 
ATOM   62  C CD  . ARG A 1 11 ? 9.776   4.550  7.771   1.000 18.006 0 11  ARG A CD  1 ? 
ATOM   63  N NE  . ARG A 1 11 ? 8.315   4.592  7.825   1.000 17.766 0 11  ARG A NE  1 ? 
ATOM   64  C CZ  . ARG A 1 11 ? 7.573   5.605  7.412   1.000 19.868 0 11  ARG A CZ  1 ? 
ATOM   65  N NH1 . ARG A 1 11 ? 8.121   6.715  6.958   1.000 22.572 0 11  ARG A NH1 1 ? 
ATOM   66  N NH2 . ARG A 1 11 ? 6.266   5.498  7.422   1.000 22.371 0 11  ARG A NH2 1 ? 
ATOM   67  N N   . GLY A 1 12 ? 10.769  -0.091 7.816   1.000 14.715 0 12  GLY A N   1 ? 
ATOM   68  C CA  . GLY A 1 12 ? 10.437  -1.153 6.883   1.000 15.248 0 12  GLY A CA  1 ? 
ATOM   69  C C   . GLY A 1 12 ? 10.214  -0.637 5.459   1.000 15.276 0 12  GLY A C   1 ? 
ATOM   70  O O   . GLY A 1 12 ? 10.211  0.563  5.227   1.000 17.463 0 12  GLY A O   1 ? 
ATOM   71  N N   . ILE A 1 13 ? 10.012  -1.576 4.536   1.000 17.445 0 13  ILE A N   1 ? 
ATOM   72  C CA  . ILE A 1 13 ? 9.835   -1.282 3.119   1.000 19.601 0 13  ILE A CA  1 ? 
ATOM   73  C C   . ILE A 1 13 ? 8.416   -0.788 2.837   1.000 18.560 0 13  ILE A C   1 ? 
ATOM   74  O O   . ILE A 1 13 ? 7.499   -0.951 3.642   1.000 17.080 0 13  ILE A O   1 ? 
ATOM   75  C CB  . ILE A 1 13 ? 10.190  -2.516 2.265   1.000 23.611 0 13  ILE A CB  1 ? 
ATOM   76  C CG1 . ILE A 1 13 ? 9.256   -3.687 2.524   1.000 26.006 0 13  ILE A CG1 1 ? 
ATOM   77  C CG2 . ILE A 1 13 ? 11.657  -2.916 2.449   1.000 24.660 0 13  ILE A CG2 1 ? 
ATOM   78  C CD1 . ILE A 1 13 ? 9.709   -4.987 1.877   1.000 26.789 0 13  ILE A CD1 1 ? 
ATOM   79  N N   . GLN A 1 14 ? 8.230   -0.269 1.623   1.000 19.333 0 14  GLN A N   1 ? 
ATOM   80  C CA  . GLN A 1 14 ? 6.950   0.265  1.179   1.000 20.264 0 14  GLN A CA  1 ? 
ATOM   81  C C   . GLN A 1 14 ? 5.890   -0.842 1.206   1.000 16.593 0 14  GLN A C   1 ? 
ATOM   82  O O   . GLN A 1 14 ? 6.159   -1.997 0.857   1.000 15.933 0 14  GLN A O   1 ? 
ATOM   83  C CB  . GLN A 1 14 ? 7.171   0.821  -0.228  1.000 24.886 0 14  GLN A CB  1 ? 
ATOM   84  C CG  . GLN A 1 14 ? 5.946   1.448  -0.882  1.000 29.453 0 14  GLN A CG  1 ? 
ATOM   85  C CD  . GLN A 1 14 ? 6.281   2.080  -2.217  1.000 34.946 0 14  GLN A CD  1 ? 
ATOM   86  O OE1 . GLN A 1 14 ? 7.125   2.980  -2.300  1.000 41.112 0 14  GLN A OE1 1 ? 
ATOM   87  N NE2 . GLN A 1 14 ? 5.643   1.607  -3.279  1.000 39.030 0 14  GLN A NE2 1 ? 
ATOM   88  N N   . GLY A 1 15 ? 4.682   -0.469 1.631   1.000 14.465 0 15  GLY A N   1 ? 
ATOM   89  C CA  . GLY A 1 15 ? 3.567   -1.402 1.681   1.000 14.656 0 15  GLY A CA  1 ? 
ATOM   90  C C   . GLY A 1 15 ? 3.051   -1.798 0.293   1.000 14.266 0 15  GLY A C   1 ? 
ATOM   91  O O   . GLY A 1 15 ? 3.384   -1.208 -0.729  1.000 13.068 0 15  GLY A O   1 ? 
ATOM   92  N N   . PRO A 1 16 ? 2.157   -2.802 0.236   1.000 16.239 0 16  PRO A N   1 ? 
ATOM   93  C CA  . PRO A 1 16 ? 1.617   -3.263 -1.034  1.000 17.367 0 16  PRO A CA  1 ? 
ATOM   94  C C   . PRO A 1 16 ? 0.663   -2.250 -1.657  1.000 16.669 0 16  PRO A C   1 ? 
ATOM   95  O O   . PRO A 1 16 ? 0.111   -1.397 -0.963  1.000 15.246 0 16  PRO A O   1 ? 
ATOM   96  C CB  . PRO A 1 16 ? 0.921   -4.569 -0.656  1.000 18.664 0 16  PRO A CB  1 ? 
ATOM   97  C CG  . PRO A 1 16 ? 0.628   -4.460 0.823   1.000 18.835 0 16  PRO A CG  1 ? 
ATOM   98  C CD  . PRO A 1 16 ? 1.657   -3.546 1.406   1.000 18.563 0 16  PRO A CD  1 ? 
ATOM   99  N N   . GLN A 1 17 ? 0.499   -2.337 -2.975  1.000 18.863 0 17  GLN A N   1 ? 
ATOM   100 C CA  . GLN A 1 17 ? -0.423  -1.466 -3.679  1.000 18.065 0 17  GLN A CA  1 ? 
ATOM   101 C C   . GLN A 1 17 ? -1.818  -1.924 -3.302  1.000 15.033 0 17  GLN A C   1 ? 
ATOM   102 O O   . GLN A 1 17 ? -2.014  -3.084 -2.957  1.000 15.215 0 17  GLN A O   1 ? 
ATOM   103 C CB  . GLN A 1 17 ? -0.210  -1.596 -5.186  1.000 21.035 0 17  GLN A CB  1 ? 
ATOM   104 C CG  . GLN A 1 17 ? -1.000  -0.590 -6.009  1.000 24.128 0 17  GLN A CG  1 ? 
ATOM   105 C CD  . GLN A 1 17 ? -0.570  -0.566 -7.463  1.000 28.451 0 17  GLN A CD  1 ? 
ATOM   106 O OE1 . GLN A 1 17 ? 0.130   -1.483 -7.915  1.000 28.720 0 17  GLN A OE1 1 ? 
ATOM   107 N NE2 . GLN A 1 17 ? -0.958  0.489  -8.182  1.000 28.234 0 17  GLN A NE2 1 ? 
ATOM   108 N N   . GLY A 1 18 ? -2.794  -1.013 -3.333  1.000 13.297 0 18  GLY A N   1 ? 
ATOM   109 C CA  . GLY A 1 18 ? -4.154  -1.423 -3.061  1.000 12.203 0 18  GLY A CA  1 ? 
ATOM   110 C C   . GLY A 1 18 ? -4.734  -2.243 -4.218  1.000 11.528 0 18  GLY A C   1 ? 
ATOM   111 O O   . GLY A 1 18 ? -4.191  -2.300 -5.313  1.000 11.211 0 18  GLY A O   1 ? 
ATOM   112 N N   . PRO A 1 19 ? -5.900  -2.883 -4.029  1.000 11.429 0 19  PRO A N   1 ? 
ATOM   113 C CA  . PRO A 1 19 ? -6.513  -3.609 -5.132  1.000 10.740 0 19  PRO A CA  1 ? 
ATOM   114 C C   . PRO A 1 19 ? -6.973  -2.681 -6.251  1.000 9.757  0 19  PRO A C   1 ? 
ATOM   115 O O   . PRO A 1 19 ? -7.245  -1.515 -6.005  1.000 9.312  0 19  PRO A O   1 ? 
ATOM   116 C CB  . PRO A 1 19 ? -7.749  -4.272 -4.534  1.000 11.921 0 19  PRO A CB  1 ? 
ATOM   117 C CG  . PRO A 1 19 ? -7.875  -3.751 -3.122  1.000 12.762 0 19  PRO A CG  1 ? 
ATOM   118 C CD  . PRO A 1 19 ? -6.661  -2.921 -2.769  1.000 12.977 0 19  PRO A CD  1 ? 
ATOM   119 N N   . ARG A 1 20 ? -7.171  -3.230 -7.446  1.000 9.661  0 20  ARG A N   1 ? 
ATOM   120 C CA  . ARG A 1 20 ? -7.736  -2.482 -8.552  1.000 9.953  0 20  ARG A CA  1 ? 
ATOM   121 C C   . ARG A 1 20 ? -9.147  -2.030 -8.183  1.000 10.037 0 20  ARG A C   1 ? 
ATOM   122 O O   . ARG A 1 20 ? -9.883  -2.764 -7.527  1.000 10.246 0 20  ARG A O   1 ? 
ATOM   123 C CB  . ARG A 1 20 ? -7.797  -3.409 -9.774  1.000 10.881 0 20  ARG A CB  1 ? 
ATOM   124 C CG  . ARG A 1 20 ? -8.238  -2.726 -11.063 1.000 11.185 0 20  ARG A CG  1 ? 
ATOM   125 C CD  . ARG A 1 20 ? -8.052  -3.582 -12.274 1.000 12.362 0 20  ARG A CD  1 ? 
ATOM   126 N NE  . ARG A 1 20 ? -6.662  -3.933 -12.583 1.000 12.667 0 20  ARG A NE  1 ? 
ATOM   127 C CZ  . ARG A 1 20 ? -5.801  -3.201 -13.307 1.000 13.914 0 20  ARG A CZ  1 ? 
ATOM   128 N NH1 . ARG A 1 20 ? -4.565  -3.647 -13.502 1.000 15.048 0 20  ARG A NH1 1 ? 
ATOM   129 N NH2 . ARG A 1 20 ? -6.185  -2.058 -13.845 1.000 13.683 0 20  ARG A NH2 1 ? 
ATOM   130 N N   . GLY A 1 21 ? -9.549  -0.846 -8.671  1.000 11.199 0 21  GLY A N   1 ? 
ATOM   131 C CA  . GLY A 1 21 ? -10.906 -0.375 -8.499  1.000 10.802 0 21  GLY A CA  1 ? 
ATOM   132 C C   . GLY A 1 21 ? -11.889 -1.173 -9.363  1.000 11.045 0 21  GLY A C   1 ? 
ATOM   133 O O   . GLY A 1 21 ? -11.490 -2.012 -10.170 1.000 9.675  0 21  GLY A O   1 ? 
ATOM   134 N N   . PRO A 1 22 ? -13.198 -1.045 -9.073  1.000 10.537 0 22  PRO A N   1 ? 
ATOM   135 C CA  . PRO A 1 22 ? -14.211 -1.848 -9.731  1.000 11.230 0 22  PRO A CA  1 ? 
ATOM   136 C C   . PRO A 1 22 ? -14.380 -1.405 -11.175 1.000 11.062 0 22  PRO A C   1 ? 
ATOM   137 O O   . PRO A 1 22 ? -14.062 -0.252 -11.512 1.000 10.515 0 22  PRO A O   1 ? 
ATOM   138 C CB  . PRO A 1 22 ? -15.443 -1.634 -8.871  1.000 11.984 0 22  PRO A CB  1 ? 
ATOM   139 C CG  . PRO A 1 22 ? -15.218 -0.294 -8.231  1.000 12.029 0 22  PRO A CG  1 ? 
ATOM   140 C CD  . PRO A 1 22 ? -13.748 -0.140 -8.058  1.000 12.070 0 22  PRO A CD  1 ? 
HETATM 141 N N   . HYP A 1 23 ? -14.874 -2.286 -12.070 1.000 10.760 0 23  HYP A N   1 ? 
HETATM 142 C CA  . HYP A 1 23 ? -15.226 -1.853 -13.406 1.000 10.712 0 23  HYP A CA  1 ? 
HETATM 143 C C   . HYP A 1 23 ? -16.213 -0.690 -13.349 1.000 10.335 0 23  HYP A C   1 ? 
HETATM 144 O O   . HYP A 1 23 ? -17.062 -0.623 -12.444 1.000 9.795  0 23  HYP A O   1 ? 
HETATM 145 C CB  . HYP A 1 23 ? -15.871 -3.067 -14.030 1.000 11.788 0 23  HYP A CB  1 ? 
HETATM 146 C CG  . HYP A 1 23 ? -15.414 -4.237 -13.172 1.000 12.511 0 23  HYP A CG  1 ? 
HETATM 147 C CD  . HYP A 1 23 ? -15.244 -3.680 -11.784 1.000 12.673 0 23  HYP A CD  1 ? 
HETATM 148 O OD1 . HYP A 1 23 ? -14.115 -4.665 -13.590 1.000 15.493 0 23  HYP A OD1 1 ? 
ATOM   149 N N   . GLY A 1 24 ? -16.154 0.176  -14.362 1.000 10.457 0 24  GLY A N   1 ? 
ATOM   150 C CA  . GLY A 1 24 ? -17.069 1.299  -14.430 1.000 9.838  0 24  GLY A CA  1 ? 
ATOM   151 C C   . GLY A 1 24 ? -18.511 0.843  -14.592 1.000 9.924  0 24  GLY A C   1 ? 
ATOM   152 O O   . GLY A 1 24 ? -18.797 -0.289 -14.959 1.000 8.829  0 24  GLY A O   1 ? 
ATOM   153 N N   . PRO A 1 25 ? -19.496 1.735  -14.354 1.000 10.115 0 25  PRO A N   1 ? 
ATOM   154 C CA  . PRO A 1 25 ? -20.881 1.375  -14.607 1.000 10.346 0 25  PRO A CA  1 ? 
ATOM   155 C C   . PRO A 1 25 ? -21.163 1.195  -16.085 1.000 10.733 0 25  PRO A C   1 ? 
ATOM   156 O O   . PRO A 1 25 ? -20.425 1.746  -16.944 1.000 11.209 0 25  PRO A O   1 ? 
ATOM   157 C CB  . PRO A 1 25 ? -21.692 2.543  -14.085 1.000 10.719 0 25  PRO A CB  1 ? 
ATOM   158 C CG  . PRO A 1 25 ? -20.710 3.645  -13.861 1.000 11.022 0 25  PRO A CG  1 ? 
ATOM   159 C CD  . PRO A 1 25 ? -19.312 3.095  -13.854 1.000 10.614 0 25  PRO A CD  1 ? 
HETATM 160 N N   . HYP A 1 26 ? -22.270 0.501  -16.422 1.000 12.404 0 26  HYP A N   1 ? 
HETATM 161 C CA  . HYP A 1 26 ? -22.700 0.416  -17.813 1.000 12.728 0 26  HYP A CA  1 ? 
HETATM 162 C C   . HYP A 1 26 ? -22.952 1.784  -18.442 1.000 13.930 0 26  HYP A C   1 ? 
HETATM 163 O O   . HYP A 1 26 ? -23.280 2.770  -17.766 1.000 13.721 0 26  HYP A O   1 ? 
HETATM 164 C CB  . HYP A 1 26 ? -23.980 -0.428 -17.773 1.000 12.986 0 26  HYP A CB  1 ? 
HETATM 165 C CG  . HYP A 1 26 ? -23.939 -1.146 -16.435 1.000 13.196 0 26  HYP A CG  1 ? 
HETATM 166 C CD  . HYP A 1 26 ? -23.172 -0.219 -15.502 1.000 12.752 0 26  HYP A CD  1 ? 
HETATM 167 O OD1 . HYP A 1 26 ? -23.236 -2.344 -16.629 1.000 15.216 0 26  HYP A OD1 1 ? 
ATOM   168 N N   . GLY A 1 27 ? -22.793 1.829  -19.766 1.000 14.751 0 27  GLY A N   1 ? 
ATOM   169 C CA  . GLY A 1 27 ? -22.972 3.068  -20.488 1.000 15.349 0 27  GLY A CA  1 ? 
ATOM   170 C C   . GLY A 1 27 ? -24.438 3.481  -20.446 1.000 17.256 0 27  GLY A C   1 ? 
ATOM   171 O O   . GLY A 1 27 ? -25.307 2.717  -20.008 1.000 17.698 0 27  GLY A O   1 ? 
ATOM   172 N N   . PRO A 1 28 ? -24.744 4.705  -20.907 1.000 21.006 0 28  PRO A N   1 ? 
ATOM   173 C CA  . PRO A 1 28 ? -26.128 5.123  -21.062 1.000 22.101 0 28  PRO A CA  1 ? 
ATOM   174 C C   . PRO A 1 28 ? -26.855 4.397  -22.190 1.000 22.209 0 28  PRO A C   1 ? 
ATOM   175 O O   . PRO A 1 28 ? -26.228 3.707  -22.995 1.000 21.032 0 28  PRO A O   1 ? 
ATOM   176 C CB  . PRO A 1 28 ? -26.019 6.614  -21.294 1.000 24.650 0 28  PRO A CB  1 ? 
ATOM   177 C CG  . PRO A 1 28 ? -24.610 6.797  -21.859 1.000 24.237 0 28  PRO A CG  1 ? 
ATOM   178 C CD  . PRO A 1 28 ? -23.759 5.751  -21.233 1.000 22.500 0 28  PRO A CD  1 ? 
HETATM 179 N N   . HYP A 1 29 ? -28.196 4.520  -22.265 1.000 24.556 0 29  HYP A N   1 ? 
HETATM 180 C CA  . HYP A 1 29 ? -28.974 3.933  -23.354 1.000 25.942 0 29  HYP A CA  1 ? 
HETATM 181 C C   . HYP A 1 29 ? -28.591 4.447  -24.741 1.000 26.229 0 29  HYP A C   1 ? 
HETATM 182 O O   . HYP A 1 29 ? -28.078 5.557  -24.876 1.000 25.135 0 29  HYP A O   1 ? 
HETATM 183 C CB  . HYP A 1 29 ? -30.411 4.321  -22.971 1.000 27.704 0 29  HYP A CB  1 ? 
HETATM 184 C CG  . HYP A 1 29 ? -30.356 4.527  -21.466 1.000 26.825 0 29  HYP A CG  1 ? 
HETATM 185 C CD  . HYP A 1 29 ? -29.043 5.244  -21.299 1.000 25.965 0 29  HYP A CD  1 ? 
HETATM 186 O OD1 . HYP A 1 29 ? -30.272 3.272  -20.792 1.000 28.993 0 29  HYP A OD1 1 ? 
ATOM   187 N N   . GLY A 1 30 ? -28.808 3.599  -25.762 1.000 28.838 0 30  GLY A N   1 ? 
ATOM   188 C CA  . GLY A 1 30 ? -28.499 3.912  -27.153 1.000 29.911 0 30  GLY A CA  1 ? 
ATOM   189 C C   . GLY A 1 30 ? -29.545 4.806  -27.815 1.000 28.970 0 30  GLY A C   1 ? 
ATOM   190 O O   . GLY A 1 30 ? -30.374 5.404  -27.081 1.000 30.190 0 30  GLY A O   1 ? 
HETATM 191 N N   . HYP B 1 2  ? 28.893  -5.224 25.518  1.000 31.355 0 2   HYP B N   1 ? 
HETATM 192 C CA  . HYP B 1 2  ? 28.010  -4.384 24.634  1.000 26.800 0 2   HYP B CA  1 ? 
HETATM 193 C C   . HYP B 1 2  ? 26.576  -4.410 25.153  1.000 23.592 0 2   HYP B C   1 ? 
HETATM 194 O O   . HYP B 1 2  ? 26.119  -5.392 25.736  1.000 24.179 0 2   HYP B O   1 ? 
HETATM 195 C CB  . HYP B 1 2  ? 28.112  -5.041 23.265  1.000 30.583 0 2   HYP B CB  1 ? 
HETATM 196 C CG  . HYP B 1 2  ? 29.472  -5.716 23.260  1.000 30.708 0 2   HYP B CG  1 ? 
HETATM 197 C CD  . HYP B 1 2  ? 29.584  -6.259 24.670  1.000 32.963 0 2   HYP B CD  1 ? 
HETATM 198 O OD1 . HYP B 1 2  ? 30.489  -4.754 23.025  1.000 29.248 0 2   HYP B OD1 1 ? 
ATOM   199 N N   . GLY B 1 3  ? 25.829  -3.338 24.927  1.000 20.381 0 3   GLY B N   1 ? 
ATOM   200 C CA  . GLY B 1 3  ? 24.460  -3.324 25.426  1.000 19.205 0 3   GLY B CA  1 ? 
ATOM   201 C C   . GLY B 1 3  ? 23.554  -4.220 24.581  1.000 17.378 0 3   GLY B C   1 ? 
ATOM   202 O O   . GLY B 1 3  ? 23.993  -4.867 23.634  1.000 17.148 0 3   GLY B O   1 ? 
ATOM   203 N N   . PRO B 1 4  ? 22.244  -4.264 24.875  1.000 15.116 0 4   PRO B N   1 ? 
ATOM   204 C CA  . PRO B 1 4  ? 21.349  -5.108 24.110  1.000 15.184 0 4   PRO B CA  1 ? 
ATOM   205 C C   . PRO B 1 4  ? 20.999  -4.520 22.751  1.000 13.511 0 4   PRO B C   1 ? 
ATOM   206 O O   . PRO B 1 4  ? 21.275  -3.344 22.482  1.000 12.495 0 4   PRO B O   1 ? 
ATOM   207 C CB  . PRO B 1 4  ? 20.137  -5.259 24.982  1.000 14.965 0 4   PRO B CB  1 ? 
ATOM   208 C CG  . PRO B 1 4  ? 20.161  -4.010 25.839  1.000 15.480 0 4   PRO B CG  1 ? 
ATOM   209 C CD  . PRO B 1 4  ? 21.572  -3.507 25.936  1.000 15.129 0 4   PRO B CD  1 ? 
HETATM 210 N N   . HYP B 1 5  ? 20.414  -5.344 21.853  1.000 13.359 0 5   HYP B N   1 ? 
HETATM 211 C CA  . HYP B 1 5  ? 20.005  -4.865 20.544  1.000 12.308 0 5   HYP B CA  1 ? 
HETATM 212 C C   . HYP B 1 5  ? 18.998  -3.730 20.651  1.000 12.418 0 5   HYP B C   1 ? 
HETATM 213 O O   . HYP B 1 5  ? 18.211  -3.675 21.598  1.000 13.024 0 5   HYP B O   1 ? 
HETATM 214 C CB  . HYP B 1 5  ? 19.403  -6.092 19.881  1.000 12.771 0 5   HYP B CB  1 ? 
HETATM 215 C CG  . HYP B 1 5  ? 20.035  -7.265 20.603  1.000 13.296 0 5   HYP B CG  1 ? 
HETATM 216 C CD  . HYP B 1 5  ? 20.210  -6.784 22.034  1.000 14.034 0 5   HYP B CD  1 ? 
HETATM 217 O OD1 . HYP B 1 5  ? 21.320  -7.505 20.077  1.000 12.808 0 5   HYP B OD1 1 ? 
ATOM   218 N N   . GLY B 1 6  ? 19.012  -2.836 19.645  1.000 11.904 0 6   GLY B N   1 ? 
ATOM   219 C CA  . GLY B 1 6  ? 18.154  -1.667 19.670  1.000 10.940 0 6   GLY B CA  1 ? 
ATOM   220 C C   . GLY B 1 6  ? 16.706  -2.057 19.387  1.000 11.449 0 6   GLY B C   1 ? 
ATOM   221 O O   . GLY B 1 6  ? 16.418  -3.189 19.042  1.000 10.416 0 6   GLY B O   1 ? 
ATOM   222 N N   . PRO B 1 7  ? 15.729  -1.140 19.532  1.000 12.324 0 7   PRO B N   1 ? 
ATOM   223 C CA  . PRO B 1 7  ? 14.342  -1.460 19.213  1.000 13.197 0 7   PRO B CA  1 ? 
ATOM   224 C C   . PRO B 1 7  ? 14.087  -1.730 17.731  1.000 11.544 0 7   PRO B C   1 ? 
ATOM   225 O O   . PRO B 1 7  ? 14.817  -1.221 16.891  1.000 11.099 0 7   PRO B O   1 ? 
ATOM   226 C CB  . PRO B 1 7  ? 13.555  -0.194 19.575  1.000 13.572 0 7   PRO B CB  1 ? 
ATOM   227 C CG  . PRO B 1 7  ? 14.480  0.584  20.464  1.000 14.401 0 7   PRO B CG  1 ? 
ATOM   228 C CD  . PRO B 1 7  ? 15.894  0.182  20.139  1.000 14.246 0 7   PRO B CD  1 ? 
HETATM 229 N N   . HYP B 1 8  ? 12.982  -2.416 17.373  1.000 9.941  0 8   HYP B N   1 ? 
HETATM 230 C CA  . HYP B 1 8  ? 12.592  -2.530 15.983  1.000 10.730 0 8   HYP B CA  1 ? 
HETATM 231 C C   . HYP B 1 8  ? 12.355  -1.170 15.319  1.000 10.911 0 8   HYP B C   1 ? 
HETATM 232 O O   . HYP B 1 8  ? 11.984  -0.188 15.982  1.000 11.386 0 8   HYP B O   1 ? 
HETATM 233 C CB  . HYP B 1 8  ? 11.297  -3.370 16.031  1.000 10.823 0 8   HYP B CB  1 ? 
HETATM 234 C CG  . HYP B 1 8  ? 11.361  -4.107 17.353  1.000 9.965  0 8   HYP B CG  1 ? 
HETATM 235 C CD  . HYP B 1 8  ? 12.048  -3.115 18.280  1.000 10.901 0 8   HYP B CD  1 ? 
HETATM 236 O OD1 . HYP B 1 8  ? 12.181  -5.266 17.170  1.000 10.057 0 8   HYP B OD1 1 ? 
ATOM   237 N N   . GLY B 1 9  ? 12.645  -1.103 14.015  1.000 11.158 0 9   GLY B N   1 ? 
ATOM   238 C CA  . GLY B 1 9  ? 12.249  0.036  13.197  1.000 11.859 0 9   GLY B CA  1 ? 
ATOM   239 C C   . GLY B 1 9  ? 10.730  0.154  13.048  1.000 13.493 0 9   GLY B C   1 ? 
ATOM   240 O O   . GLY B 1 9  ? 9.991   -0.800 13.328  1.000 13.425 0 9   GLY B O   1 ? 
ATOM   241 N N   . ALA B 1 10 ? 10.254  1.335  12.607  1.000 14.123 0 10  ALA B N   1 ? 
ATOM   242 C CA  . ALA B 1 10 ? 8.833   1.523  12.344  1.000 14.721 0 10  ALA B CA  1 ? 
ATOM   243 C C   . ALA B 1 10 ? 8.411   0.828  11.049  1.000 15.489 0 10  ALA B C   1 ? 
ATOM   244 O O   . ALA B 1 10 ? 9.239   0.430  10.228  1.000 15.256 0 10  ALA B O   1 ? 
ATOM   245 C CB  . ALA B 1 10 ? 8.483   2.987  12.285  1.000 15.853 0 10  ALA B CB  1 ? 
ATOM   246 N N   . ARG B 1 11 ? 7.093   0.634  10.911  1.000 16.219 0 11  ARG B N   1 ? 
ATOM   247 C CA  . ARG B 1 11 ? 6.523   0.179  9.664   1.000 16.065 0 11  ARG B CA  1 ? 
ATOM   248 C C   . ARG B 1 11 ? 6.922   1.170  8.581   1.000 15.443 0 11  ARG B C   1 ? 
ATOM   249 O O   . ARG B 1 11 ? 7.108   2.350  8.858   1.000 15.561 0 11  ARG B O   1 ? 
ATOM   250 C CB  . ARG B 1 11 ? 4.990   0.067  9.668   1.000 17.745 0 11  ARG B CB  1 ? 
ATOM   251 C CG  . ARG B 1 11 ? 4.519   -1.123 10.473  1.000 18.011 0 11  ARG B CG  1 ? 
ATOM   252 C CD  . ARG B 1 11 ? 3.016   -1.283 10.379  1.000 17.983 0 11  ARG B CD  1 ? 
ATOM   253 N NE  . ARG B 1 11 ? 2.613   -1.891 9.109   1.000 18.019 0 11  ARG B NE  1 ? 
ATOM   254 C CZ  . ARG B 1 11 ? 1.408   -2.439 8.933   1.000 19.065 0 11  ARG B CZ  1 ? 
ATOM   255 N NH1 . ARG B 1 11 ? 0.483   -2.257 9.850   1.000 19.060 0 11  ARG B NH1 1 ? 
ATOM   256 N NH2 . ARG B 1 11 ? 1.093   -3.083 7.830   1.000 18.756 0 11  ARG B NH2 1 ? 
ATOM   257 N N   . GLY B 1 12 ? 7.048   0.642  7.358   1.000 15.084 0 12  GLY B N   1 ? 
ATOM   258 C CA  . GLY B 1 12 ? 7.350   1.433  6.180   1.000 14.916 0 12  GLY B CA  1 ? 
ATOM   259 C C   . GLY B 1 12 ? 6.175   2.324  5.785   1.000 16.551 0 12  GLY B C   1 ? 
ATOM   260 O O   . GLY B 1 12 ? 5.115   2.321  6.430   1.000 16.342 0 12  GLY B O   1 ? 
ATOM   261 N N   . ILE B 1 13 ? 6.418   3.103  4.720   1.000 18.518 0 13  ILE B N   1 ? 
ATOM   262 C CA  . ILE B 1 13 ? 5.426   3.992  4.135   1.000 18.901 0 13  ILE B CA  1 ? 
ATOM   263 C C   . ILE B 1 13 ? 4.287   3.187  3.490   1.000 17.971 0 13  ILE B C   1 ? 
ATOM   264 O O   . ILE B 1 13 ? 4.482   2.081  2.984   1.000 16.524 0 13  ILE B O   1 ? 
ATOM   265 C CB  . ILE B 1 13 ? 6.080   4.951  3.126   1.000 21.015 0 13  ILE B CB  1 ? 
ATOM   266 C CG1 . ILE B 1 13 ? 6.638   4.260  1.887   1.000 24.008 0 13  ILE B CG1 1 ? 
ATOM   267 C CG2 . ILE B 1 13 ? 7.168   5.789  3.799   1.000 21.597 0 13  ILE B CG2 1 ? 
ATOM   268 C CD1 . ILE B 1 13 ? 6.841   5.218  0.716   1.000 26.801 0 13  ILE B CD1 1 ? 
ATOM   269 N N   . GLN B 1 14 ? 3.092   3.777  3.509   1.000 17.706 0 14  GLN B N   1 ? 
ATOM   270 C CA  . GLN B 1 14 ? 1.920   3.192  2.874   1.000 17.709 0 14  GLN B CA  1 ? 
ATOM   271 C C   . GLN B 1 14 ? 2.188   2.882  1.396   1.000 17.391 0 14  GLN B C   1 ? 
ATOM   272 O O   . GLN B 1 14 ? 2.941   3.589  0.710   1.000 17.758 0 14  GLN B O   1 ? 
ATOM   273 C CB  . GLN B 1 14 ? 0.730   4.138  3.048   1.000 18.617 0 14  GLN B CB  1 ? 
ATOM   274 C CG  . GLN B 1 14 ? -0.547  3.579  2.425   1.000 18.446 0 14  GLN B CG  1 ? 
ATOM   275 C CD  . GLN B 1 14 ? -1.787  4.416  2.636   1.000 19.036 0 14  GLN B CD  1 ? 
ATOM   276 O OE1 . GLN B 1 14 ? -1.750  5.640  2.570   1.000 20.348 0 14  GLN B OE1 1 ? 
ATOM   277 N NE2 . GLN B 1 14 ? -2.915  3.750  2.834   1.000 22.071 0 14  GLN B NE2 1 ? 
ATOM   278 N N   . GLY B 1 15 ? 1.585   1.792  0.900   1.000 15.864 0 15  GLY B N   1 ? 
ATOM   279 C CA  . GLY B 1 15 ? 1.663   1.464  -0.512  1.000 17.360 0 15  GLY B CA  1 ? 
ATOM   280 C C   . GLY B 1 15 ? 0.928   2.487  -1.386  1.000 16.081 0 15  GLY B C   1 ? 
ATOM   281 O O   . GLY B 1 15 ? 0.147   3.319  -0.890  1.000 14.216 0 15  GLY B O   1 ? 
ATOM   282 N N   . PRO B 1 16 ? 1.114   2.420  -2.723  1.000 15.332 0 16  PRO B N   1 ? 
ATOM   283 C CA  . PRO B 1 16 ? 0.398   3.290  -3.641  1.000 15.428 0 16  PRO B CA  1 ? 
ATOM   284 C C   . PRO B 1 16 ? -1.073  2.914  -3.784  1.000 14.756 0 16  PRO B C   1 ? 
ATOM   285 O O   . PRO B 1 16 ? -1.422  1.774  -3.513  1.000 13.322 0 16  PRO B O   1 ? 
ATOM   286 C CB  . PRO B 1 16 ? 1.114   3.052  -4.971  1.000 17.576 0 16  PRO B CB  1 ? 
ATOM   287 C CG  . PRO B 1 16 ? 1.712   1.665  -4.847  1.000 17.594 0 16  PRO B CG  1 ? 
ATOM   288 C CD  . PRO B 1 16 ? 1.988   1.447  -3.395  1.000 16.447 0 16  PRO B CD  1 ? 
ATOM   289 N N   . GLN B 1 17 ? -1.913  3.863  -4.220  1.000 14.489 0 17  GLN B N   1 ? 
ATOM   290 C CA  . GLN B 1 17 ? -3.284  3.547  -4.619  1.000 13.616 0 17  GLN B CA  1 ? 
ATOM   291 C C   . GLN B 1 17 ? -3.240  2.473  -5.696  1.000 13.203 0 17  GLN B C   1 ? 
ATOM   292 O O   . GLN B 1 17 ? -2.351  2.477  -6.550  1.000 12.417 0 17  GLN B O   1 ? 
ATOM   293 C CB  . GLN B 1 17 ? -4.085  4.710  -5.208  1.000 14.573 0 17  GLN B CB  1 ? 
ATOM   294 C CG  . GLN B 1 17 ? -5.572  4.419  -5.261  1.000 15.719 0 17  GLN B CG  1 ? 
ATOM   295 C CD  . GLN B 1 17 ? -6.399  5.671  -5.448  1.000 16.686 0 17  GLN B CD  1 ? 
ATOM   296 O OE1 . GLN B 1 17 ? -5.868  6.736  -5.773  1.000 18.244 0 17  GLN B OE1 1 ? 
ATOM   297 N NE2 . GLN B 1 17 ? -7.702  5.533  -5.281  1.000 16.551 0 17  GLN B NE2 1 ? 
ATOM   298 N N   . GLY B 1 18 ? -4.200  1.551  -5.638  1.000 11.953 0 18  GLY B N   1 ? 
ATOM   299 C CA  . GLY B 1 18 ? -4.310  0.525  -6.652  1.000 11.538 0 18  GLY B CA  1 ? 
ATOM   300 C C   . GLY B 1 18 ? -4.741  1.107  -7.999  1.000 11.741 0 18  GLY B C   1 ? 
ATOM   301 O O   . GLY B 1 18 ? -5.234  2.230  -8.084  1.000 9.863  0 18  GLY B O   1 ? 
ATOM   302 N N   . PRO B 1 19 ? -4.599  0.327  -9.081  1.000 11.622 0 19  PRO B N   1 ? 
ATOM   303 C CA  . PRO B 1 19 ? -4.987  0.787  -10.406 1.000 12.602 0 19  PRO B CA  1 ? 
ATOM   304 C C   . PRO B 1 19 ? -6.484  1.046  -10.573 1.000 11.690 0 19  PRO B C   1 ? 
ATOM   305 O O   . PRO B 1 19 ? -7.334  0.472  -9.873  1.000 11.244 0 19  PRO B O   1 ? 
ATOM   306 C CB  . PRO B 1 19 ? -4.458  -0.305 -11.331 1.000 13.694 0 19  PRO B CB  1 ? 
ATOM   307 C CG  . PRO B 1 19 ? -4.283  -1.510 -10.449 1.000 13.620 0 19  PRO B CG  1 ? 
ATOM   308 C CD  . PRO B 1 19 ? -3.994  -1.015 -9.083  1.000 13.612 0 19  PRO B CD  1 ? 
ATOM   309 N N   . ARG B 1 20 ? -6.795  1.941  -11.505 1.000 11.842 0 20  ARG B N   1 ? 
ATOM   310 C CA  . ARG B 1 20 ? -8.170  2.229  -11.859 1.000 12.042 0 20  ARG B CA  1 ? 
ATOM   311 C C   . ARG B 1 20 ? -8.807  0.983  -12.485 1.000 11.836 0 20  ARG B C   1 ? 
ATOM   312 O O   . ARG B 1 20 ? -8.171  0.160  -13.175 1.000 11.072 0 20  ARG B O   1 ? 
ATOM   313 C CB  . ARG B 1 20 ? -8.184  3.459  -12.797 1.000 11.868 0 20  ARG B CB  1 ? 
ATOM   314 C CG  . ARG B 1 20 ? -9.548  4.064  -13.092 1.000 12.858 0 20  ARG B CG  1 ? 
ATOM   315 C CD  . ARG B 1 20 ? -9.453  5.209  -14.076 1.000 13.118 0 20  ARG B CD  1 ? 
ATOM   316 N NE  . ARG B 1 20 ? -8.593  6.268  -13.536 1.000 12.996 0 20  ARG B NE  1 ? 
ATOM   317 C CZ  . ARG B 1 20 ? -9.000  7.228  -12.705 1.000 12.679 0 20  ARG B CZ  1 ? 
ATOM   318 N NH1 . ARG B 1 20 ? -10.278 7.388  -12.441 1.000 12.231 0 20  ARG B NH1 1 ? 
ATOM   319 N NH2 . ARG B 1 20 ? -8.137  8.033  -12.101 1.000 13.114 0 20  ARG B NH2 1 ? 
ATOM   320 N N   . GLY B 1 21 ? -10.091 0.795  -12.188 1.000 10.595 0 21  GLY B N   1 ? 
ATOM   321 C CA  . GLY B 1 21 ? -10.854 -0.210 -12.882 1.000 10.156 0 21  GLY B CA  1 ? 
ATOM   322 C C   . GLY B 1 21 ? -10.987 0.113  -14.369 1.000 10.789 0 21  GLY B C   1 ? 
ATOM   323 O O   . GLY B 1 21 ? -10.768 1.244  -14.830 1.000 9.733  0 21  GLY B O   1 ? 
ATOM   324 N N   . PRO B 1 22 ? -11.333 -0.920 -15.163 1.000 11.696 0 22  PRO B N   1 ? 
ATOM   325 C CA  . PRO B 1 22 ? -11.588 -0.741 -16.591 1.000 10.946 0 22  PRO B CA  1 ? 
ATOM   326 C C   . PRO B 1 22 ? -12.874 0.015  -16.892 1.000 11.546 0 22  PRO B C   1 ? 
ATOM   327 O O   . PRO B 1 22 ? -13.721 0.136  -16.012 1.000 10.409 0 22  PRO B O   1 ? 
ATOM   328 C CB  . PRO B 1 22 ? -11.672 -2.153 -17.113 1.000 11.250 0 22  PRO B CB  1 ? 
ATOM   329 C CG  . PRO B 1 22 ? -12.059 -2.993 -15.893 1.000 11.476 0 22  PRO B CG  1 ? 
ATOM   330 C CD  . PRO B 1 22 ? -11.488 -2.311 -14.693 1.000 11.663 0 22  PRO B CD  1 ? 
HETATM 331 N N   . HYP B 1 23 ? -13.064 0.519  -18.137 1.000 12.251 0 23  HYP B N   1 ? 
HETATM 332 C CA  . HYP B 1 23 ? -14.331 1.112  -18.532 1.000 11.878 0 23  HYP B CA  1 ? 
HETATM 333 C C   . HYP B 1 23 ? -15.487 0.120  -18.427 1.000 11.411 0 23  HYP B C   1 ? 
HETATM 334 O O   . HYP B 1 23 ? -15.307 -1.069 -18.587 1.000 9.317  0 23  HYP B O   1 ? 
HETATM 335 C CB  . HYP B 1 23 ? -14.105 1.565  -19.970 1.000 13.853 0 23  HYP B CB  1 ? 
HETATM 336 C CG  . HYP B 1 23 ? -12.591 1.576  -20.144 1.000 13.596 0 23  HYP B CG  1 ? 
HETATM 337 C CD  . HYP B 1 23 ? -12.046 0.541  -19.212 1.000 13.939 0 23  HYP B CD  1 ? 
HETATM 338 O OD1 . HYP B 1 23 ? -11.985 2.762  -19.652 1.000 17.420 0 23  HYP B OD1 1 ? 
ATOM   339 N N   . GLY B 1 24 ? -16.664 0.644  -18.129 1.000 10.874 0 24  GLY B N   1 ? 
ATOM   340 C CA  . GLY B 1 24 ? -17.810 -0.199 -17.865 1.000 11.259 0 24  GLY B CA  1 ? 
ATOM   341 C C   . GLY B 1 24 ? -18.338 -0.878 -19.130 1.000 11.039 0 24  GLY B C   1 ? 
ATOM   342 O O   . GLY B 1 24 ? -17.879 -0.681 -20.255 1.000 12.025 0 24  GLY B O   1 ? 
ATOM   343 N N   . PRO B 1 25 ? -19.354 -1.739 -18.965 1.000 11.003 0 25  PRO B N   1 ? 
ATOM   344 C CA  . PRO B 1 25 ? -20.043 -2.342 -20.099 1.000 11.926 0 25  PRO B CA  1 ? 
ATOM   345 C C   . PRO B 1 25 ? -20.780 -1.365 -21.013 1.000 12.390 0 25  PRO B C   1 ? 
ATOM   346 O O   . PRO B 1 25 ? -21.149 -0.254 -20.600 1.000 12.340 0 25  PRO B O   1 ? 
ATOM   347 C CB  . PRO B 1 25 ? -21.090 -3.270 -19.437 1.000 11.927 0 25  PRO B CB  1 ? 
ATOM   348 C CG  . PRO B 1 25 ? -20.554 -3.469 -18.027 1.000 12.896 0 25  PRO B CG  1 ? 
ATOM   349 C CD  . PRO B 1 25 ? -19.715 -2.303 -17.661 1.000 11.817 0 25  PRO B CD  1 ? 
HETATM 350 N N   . HYP B 1 26 ? -21.074 -1.792 -22.267 1.000 14.181 0 26  HYP B N   1 ? 
HETATM 351 C CA  . HYP B 1 26 ? -21.987 -1.069 -23.136 1.000 14.535 0 26  HYP B CA  1 ? 
HETATM 352 C C   . HYP B 1 26 ? -23.332 -0.851 -22.458 1.000 14.790 0 26  HYP B C   1 ? 
HETATM 353 O O   . HYP B 1 26 ? -23.722 -1.660 -21.618 1.000 14.094 0 26  HYP B O   1 ? 
HETATM 354 C CB  . HYP B 1 26 ? -22.160 -1.977 -24.360 1.000 16.282 0 26  HYP B CB  1 ? 
HETATM 355 C CG  . HYP B 1 26 ? -20.965 -2.903 -24.342 1.000 15.993 0 26  HYP B CG  1 ? 
HETATM 356 C CD  . HYP B 1 26 ? -20.544 -3.026 -22.888 1.000 16.129 0 26  HYP B CD  1 ? 
HETATM 357 O OD1 . HYP B 1 26 ? -19.941 -2.251 -25.091 1.000 18.709 0 26  HYP B OD1 1 ? 
ATOM   358 N N   . GLY B 1 27 ? -23.972 0.283  -22.742 1.000 16.980 0 27  GLY B N   1 ? 
ATOM   359 C CA  . GLY B 1 27 ? -25.326 0.489  -22.261 1.000 17.699 0 27  GLY B CA  1 ? 
ATOM   360 C C   . GLY B 1 27 ? -26.324 -0.407 -23.007 1.000 21.266 0 27  GLY B C   1 ? 
ATOM   361 O O   . GLY B 1 27 ? -25.966 -1.166 -23.919 1.000 20.950 0 27  GLY B O   1 ? 
ATOM   362 N N   . PRO B 1 28 ? -27.621 -0.304 -22.652 1.000 25.216 0 28  PRO B N   1 ? 
ATOM   363 C CA  . PRO B 1 28 ? -28.678 -1.054 -23.326 1.000 27.862 0 28  PRO B CA  1 ? 
ATOM   364 C C   . PRO B 1 28 ? -29.080 -0.487 -24.691 1.000 29.790 0 28  PRO B C   1 ? 
ATOM   365 O O   . PRO B 1 28 ? -28.893 0.701  -24.944 1.000 29.920 0 28  PRO B O   1 ? 
ATOM   366 C CB  . PRO B 1 28 ? -29.809 -1.027 -22.305 1.000 27.586 0 28  PRO B CB  1 ? 
ATOM   367 C CG  . PRO B 1 28 ? -29.590 0.254  -21.531 1.000 27.078 0 28  PRO B CG  1 ? 
ATOM   368 C CD  . PRO B 1 28 ? -28.104 0.524  -21.538 1.000 25.437 0 28  PRO B CD  1 ? 
HETATM 369 N N   . HYP B 1 29 ? -29.637 -1.332 -25.594 1.000 34.125 0 29  HYP B N   1 ? 
HETATM 370 C CA  . HYP B 1 29 ? -30.175 -0.915 -26.893 1.000 34.605 0 29  HYP B CA  1 ? 
HETATM 371 C C   . HYP B 1 29 ? -31.067 0.331  -26.893 1.000 33.082 0 29  HYP B C   1 ? 
HETATM 372 O O   . HYP B 1 29 ? -31.757 0.523  -25.870 1.000 36.958 0 29  HYP B O   1 ? 
HETATM 373 C CB  . HYP B 1 29 ? -30.986 -2.137 -27.303 1.000 37.646 0 29  HYP B CB  1 ? 
HETATM 374 C CG  . HYP B 1 29 ? -30.194 -3.305 -26.746 1.000 39.156 0 29  HYP B CG  1 ? 
HETATM 375 C CD  . HYP B 1 29 ? -29.743 -2.792 -25.395 1.000 38.907 0 29  HYP B CD  1 ? 
HETATM 376 O OD1 . HYP B 1 29 ? -29.042 -3.538 -27.541 1.000 43.850 0 29  HYP B OD1 1 ? 
ATOM   377 N N   . PRO C 1 1  ? 30.211  -0.978 25.238  1.000 32.249 0 1   PRO C N   1 ? 
ATOM   378 C CA  . PRO C 1 1  ? 29.707  -0.034 24.195  1.000 30.391 0 1   PRO C CA  1 ? 
ATOM   379 C C   . PRO C 1 1  ? 28.196  -0.200 24.022  1.000 28.458 0 1   PRO C C   1 ? 
ATOM   380 O O   . PRO C 1 1  ? 27.597  -1.092 24.631  1.000 27.996 0 1   PRO C O   1 ? 
ATOM   381 C CB  . PRO C 1 1  ? 30.486  -0.417 22.938  1.000 30.885 0 1   PRO C CB  1 ? 
ATOM   382 C CG  . PRO C 1 1  ? 31.641  -1.257 23.451  1.000 31.048 0 1   PRO C CG  1 ? 
ATOM   383 C CD  . PRO C 1 1  ? 31.036  -2.023 24.553  1.000 30.432 0 1   PRO C CD  1 ? 
HETATM 384 N N   . HYP C 1 2  ? 27.535  0.640  23.186  1.000 25.857 0 2   HYP C N   1 ? 
HETATM 385 C CA  . HYP C 1 2  ? 26.135  0.415  22.858  1.000 23.384 0 2   HYP C CA  1 ? 
HETATM 386 C C   . HYP C 1 2  ? 25.938  -0.896 22.109  1.000 21.377 0 2   HYP C C   1 ? 
HETATM 387 O O   . HYP C 1 2  ? 26.855  -1.402 21.456  1.000 21.111 0 2   HYP C O   1 ? 
HETATM 388 C CB  . HYP C 1 2  ? 25.742  1.603  21.977  1.000 24.886 0 2   HYP C CB  1 ? 
HETATM 389 C CG  . HYP C 1 2  ? 26.873  2.604  22.116  1.000 26.143 0 2   HYP C CG  1 ? 
HETATM 390 C CD  . HYP C 1 2  ? 28.105  1.806  22.489  1.000 26.064 0 2   HYP C CD  1 ? 
HETATM 391 O OD1 . HYP C 1 2  ? 26.485  3.462  23.179  1.000 29.218 0 2   HYP C OD1 1 ? 
ATOM   392 N N   . GLY C 1 3  ? 24.720  -1.440 22.178  1.000 18.341 0 3   GLY C N   1 ? 
ATOM   393 C CA  . GLY C 1 3  ? 24.427  -2.640 21.414  1.000 16.442 0 3   GLY C CA  1 ? 
ATOM   394 C C   . GLY C 1 3  ? 24.335  -2.395 19.906  1.000 15.317 0 3   GLY C C   1 ? 
ATOM   395 O O   . GLY C 1 3  ? 24.450  -1.268 19.425  1.000 13.974 0 3   GLY C O   1 ? 
ATOM   396 N N   . PRO C 1 4  ? 24.088  -3.468 19.123  1.000 13.223 0 4   PRO C N   1 ? 
ATOM   397 C CA  . PRO C 1 4  ? 23.856  -3.333 17.688  1.000 12.754 0 4   PRO C CA  1 ? 
ATOM   398 C C   . PRO C 1 4  ? 22.473  -2.777 17.337  1.000 12.685 0 4   PRO C C   1 ? 
ATOM   399 O O   . PRO C 1 4  ? 21.575  -2.749 18.177  1.000 11.895 0 4   PRO C O   1 ? 
ATOM   400 C CB  . PRO C 1 4  ? 24.045  -4.749 17.179  1.000 12.805 0 4   PRO C CB  1 ? 
ATOM   401 C CG  . PRO C 1 4  ? 23.609  -5.624 18.343  1.000 13.213 0 4   PRO C CG  1 ? 
ATOM   402 C CD  . PRO C 1 4  ? 23.909  -4.845 19.615  1.000 13.644 0 4   PRO C CD  1 ? 
HETATM 403 N N   . HYP C 1 5  ? 22.275  -2.316 16.082  1.000 13.337 0 5   HYP C N   1 ? 
HETATM 404 C CA  . HYP C 1 5  ? 20.979  -1.815 15.630  1.000 12.511 0 5   HYP C CA  1 ? 
HETATM 405 C C   . HYP C 1 5  ? 19.877  -2.851 15.744  1.000 10.991 0 5   HYP C C   1 ? 
HETATM 406 O O   . HYP C 1 5  ? 20.124  -4.048 15.625  1.000 10.391 0 5   HYP C O   1 ? 
HETATM 407 C CB  . HYP C 1 5  ? 21.212  -1.454 14.160  1.000 13.394 0 5   HYP C CB  1 ? 
HETATM 408 C CG  . HYP C 1 5  ? 22.715  -1.239 14.049  1.000 13.322 0 5   HYP C CG  1 ? 
HETATM 409 C CD  . HYP C 1 5  ? 23.313  -2.237 15.028  1.000 13.689 0 5   HYP C CD  1 ? 
HETATM 410 O OD1 . HYP C 1 5  ? 22.981  0.111  14.462  1.000 14.165 0 5   HYP C OD1 1 ? 
ATOM   411 N N   . GLY C 1 6  ? 18.670  -2.373 15.992  1.000 9.576  0 6   GLY C N   1 ? 
ATOM   412 C CA  . GLY C 1 6  ? 17.532  -3.249 16.135  1.000 9.856  0 6   GLY C CA  1 ? 
ATOM   413 C C   . GLY C 1 6  ? 17.117  -3.817 14.782  1.000 10.076 0 6   GLY C C   1 ? 
ATOM   414 O O   . GLY C 1 6  ? 17.651  -3.439 13.737  1.000 10.083 0 6   GLY C O   1 ? 
ATOM   415 N N   . PRO C 1 7  ? 16.146  -4.742 14.782  1.000 10.523 0 7   PRO C N   1 ? 
ATOM   416 C CA  . PRO C 1 7  ? 15.639  -5.290 13.535  1.000 10.759 0 7   PRO C CA  1 ? 
ATOM   417 C C   . PRO C 1 7  ? 14.875  -4.278 12.675  1.000 11.723 0 7   PRO C C   1 ? 
ATOM   418 O O   . PRO C 1 7  ? 14.356  -3.254 13.158  1.000 10.071 0 7   PRO C O   1 ? 
ATOM   419 C CB  . PRO C 1 7  ? 14.754  -6.428 13.957  1.000 11.140 0 7   PRO C CB  1 ? 
ATOM   420 C CG  . PRO C 1 7  ? 14.664  -6.382 15.448  1.000 11.502 0 7   PRO C CG  1 ? 
ATOM   421 C CD  . PRO C 1 7  ? 15.513  -5.278 15.985  1.000 11.138 0 7   PRO C CD  1 ? 
HETATM 422 N N   . HYP C 1 8  ? 14.765  -4.517 11.354  1.000 13.409 0 8   HYP C N   1 ? 
HETATM 423 C CA  . HYP C 1 8  ? 13.954  -3.645 10.514  1.000 13.199 0 8   HYP C CA  1 ? 
HETATM 424 C C   . HYP C 1 8  ? 12.465  -3.699 10.846  1.000 13.649 0 8   HYP C C   1 ? 
HETATM 425 O O   . HYP C 1 8  ? 11.955  -4.706 11.327  1.000 11.366 0 8   HYP C O   1 ? 
HETATM 426 C CB  . HYP C 1 8  ? 14.218  -4.153 9.107   1.000 14.801 0 8   HYP C CB  1 ? 
HETATM 427 C CG  . HYP C 1 8  ? 15.440  -5.049 9.205   1.000 14.987 0 8   HYP C CG  1 ? 
HETATM 428 C CD  . HYP C 1 8  ? 15.451  -5.591 10.614  1.000 14.447 0 8   HYP C CD  1 ? 
HETATM 429 O OD1 . HYP C 1 8  ? 16.591  -4.206 8.976   1.000 17.455 0 8   HYP C OD1 1 ? 
ATOM   430 N N   . GLY C 1 9  ? 11.777  -2.575 10.623  1.000 13.636 0 9   GLY C N   1 ? 
ATOM   431 C CA  . GLY C 1 9  ? 10.329  -2.539 10.719  1.000 13.184 0 9   GLY C CA  1 ? 
ATOM   432 C C   . GLY C 1 9  ? 9.666   -3.427 9.660   1.000 13.399 0 9   GLY C C   1 ? 
ATOM   433 O O   . GLY C 1 9  ? 10.284  -3.823 8.670   1.000 12.194 0 9   GLY C O   1 ? 
ATOM   434 N N   . ALA C 1 10 ? 8.399   -3.783 9.904   1.000 14.100 0 10  ALA C N   1 ? 
ATOM   435 C CA  . ALA C 1 10 ? 7.608   -4.525 8.946   1.000 14.268 0 10  ALA C CA  1 ? 
ATOM   436 C C   . ALA C 1 10 ? 7.220   -3.653 7.748   1.000 14.411 0 10  ALA C C   1 ? 
ATOM   437 O O   . ALA C 1 10 ? 7.429   -2.454 7.727   1.000 12.177 0 10  ALA C O   1 ? 
ATOM   438 C CB  . ALA C 1 10 ? 6.383   -5.053 9.637   1.000 14.879 0 10  ALA C CB  1 ? 
ATOM   439 N N   . ARG C 1 11 ? 6.619   -4.282 6.743   1.000 16.978 0 11  ARG C N   1 ? 
ATOM   440 C CA  . ARG C 1 11 ? 6.201   -3.588 5.541   1.000 18.600 0 11  ARG C CA  1 ? 
ATOM   441 C C   . ARG C 1 11 ? 5.084   -2.590 5.874   1.000 17.478 0 11  ARG C C   1 ? 
ATOM   442 O O   . ARG C 1 11 ? 4.310   -2.801 6.806   1.000 16.868 0 11  ARG C O   1 ? 
ATOM   443 C CB  . ARG C 1 11 ? 5.841   -4.736 4.583   1.000 24.329 0 11  ARG C CB  1 ? 
ATOM   444 C CG  . ARG C 1 11 ? 5.557   -4.268 3.169   1.000 28.233 0 11  ARG C CG  1 ? 
ATOM   445 C CD  . ARG C 1 11 ? 5.430   -5.388 2.139   1.000 30.280 0 11  ARG C CD  1 ? 
ATOM   446 N NE  . ARG C 1 11 ? 5.571   -4.768 0.813   1.000 32.619 0 11  ARG C NE  1 ? 
ATOM   447 C CZ  . ARG C 1 11 ? 4.923   -5.052 -0.304  1.000 33.912 0 11  ARG C CZ  1 ? 
ATOM   448 N NH1 . ARG C 1 11 ? 5.128   -4.290 -1.374  1.000 33.184 0 11  ARG C NH1 1 ? 
ATOM   449 N NH2 . ARG C 1 11 ? 4.081   -6.075 -0.346  1.000 34.080 0 11  ARG C NH2 1 ? 
ATOM   450 N N   . GLY C 1 12 ? 4.984   -1.517 5.088   1.000 16.916 0 12  GLY C N   1 ? 
ATOM   451 C CA  . GLY C 1 12 ? 3.985   -0.480 5.308   1.000 16.666 0 12  GLY C CA  1 ? 
ATOM   452 C C   . GLY C 1 12 ? 2.559   -1.000 5.095   1.000 16.115 0 12  GLY C C   1 ? 
ATOM   453 O O   . GLY C 1 12 ? 2.355   -2.044 4.496   1.000 15.274 0 12  GLY C O   1 ? 
ATOM   454 N N   . ILE C 1 13 ? 1.563   -0.224 5.543   1.000 16.777 0 13  ILE C N   1 ? 
ATOM   455 C CA  . ILE C 1 13 ? 0.163   -0.565 5.323   1.000 17.095 0 13  ILE C CA  1 ? 
ATOM   456 C C   . ILE C 1 13 ? -0.122  -0.606 3.807   1.000 15.908 0 13  ILE C C   1 ? 
ATOM   457 O O   . ILE C 1 13 ? 0.542   0.093  3.037   1.000 15.098 0 13  ILE C O   1 ? 
ATOM   458 C CB  . ILE C 1 13 ? -0.716  0.451  6.092   1.000 17.053 0 13  ILE C CB  1 ? 
ATOM   459 C CG1 . ILE C 1 13 ? -0.711  1.833  5.433   1.000 19.066 0 13  ILE C CG1 1 ? 
ATOM   460 C CG2 . ILE C 1 13 ? -0.296  0.526  7.576   1.000 17.494 0 13  ILE C CG2 1 ? 
ATOM   461 C CD1 . ILE C 1 13 ? -1.611  2.863  6.097   1.000 19.911 0 13  ILE C CD1 1 ? 
ATOM   462 N N   . GLN C 1 14 ? -1.113  -1.406 3.387   1.000 16.473 0 14  GLN C N   1 ? 
ATOM   463 C CA  . GLN C 1 14 ? -1.597  -1.444 2.000   1.000 16.343 0 14  GLN C CA  1 ? 
ATOM   464 C C   . GLN C 1 14 ? -2.163  -0.086 1.569   1.000 15.625 0 14  GLN C C   1 ? 
ATOM   465 O O   . GLN C 1 14 ? -2.783  0.625  2.370   1.000 14.977 0 14  GLN C O   1 ? 
ATOM   466 C CB  . GLN C 1 14 ? -2.682  -2.515 1.864   1.000 18.222 0 14  GLN C CB  1 ? 
ATOM   467 C CG  . GLN C 1 14 ? -2.913  -3.005 0.438   1.000 19.548 0 14  GLN C CG  1 ? 
ATOM   468 C CD  . GLN C 1 14 ? -4.023  -4.033 0.327   1.000 23.334 0 14  GLN C CD  1 ? 
ATOM   469 O OE1 . GLN C 1 14 ? -4.899  -4.123 1.189   1.000 26.473 0 14  GLN C OE1 1 ? 
ATOM   470 N NE2 . GLN C 1 14 ? -4.021  -4.786 -0.762  1.000 25.635 0 14  GLN C NE2 1 ? 
ATOM   471 N N   . GLY C 1 15 ? -1.938  0.290  0.294   1.000 13.964 0 15  GLY C N   1 ? 
ATOM   472 C CA  . GLY C 1 15 ? -2.557  1.476  -0.267  1.000 12.894 0 15  GLY C CA  1 ? 
ATOM   473 C C   . GLY C 1 15 ? -4.061  1.274  -0.434  1.000 12.490 0 15  GLY C C   1 ? 
ATOM   474 O O   . GLY C 1 15 ? -4.552  0.154  -0.392  1.000 11.496 0 15  GLY C O   1 ? 
ATOM   475 N N   . PRO C 1 16 ? -4.833  2.353  -0.691  1.000 12.721 0 16  PRO C N   1 ? 
ATOM   476 C CA  . PRO C 1 16 ? -6.263  2.233  -0.893  1.000 12.375 0 16  PRO C CA  1 ? 
ATOM   477 C C   . PRO C 1 16 ? -6.605  1.594  -2.230  1.000 12.220 0 16  PRO C C   1 ? 
ATOM   478 O O   . PRO C 1 16 ? -5.801  1.612  -3.167  1.000 11.198 0 16  PRO C O   1 ? 
ATOM   479 C CB  . PRO C 1 16 ? -6.750  3.676  -0.836  1.000 12.603 0 16  PRO C CB  1 ? 
ATOM   480 C CG  . PRO C 1 16 ? -5.549  4.496  -1.303  1.000 13.031 0 16  PRO C CG  1 ? 
ATOM   481 C CD  . PRO C 1 16 ? -4.333  3.721  -0.865  1.000 13.577 0 16  PRO C CD  1 ? 
ATOM   482 N N   . GLN C 1 17 ? -7.816  1.046  -2.310  1.000 12.744 0 17  GLN C N   1 ? 
ATOM   483 C CA  . GLN C 1 17 ? -8.349  0.538  -3.567  1.000 12.253 0 17  GLN C CA  1 ? 
ATOM   484 C C   . GLN C 1 17 ? -8.264  1.627  -4.632  1.000 11.996 0 17  GLN C C   1 ? 
ATOM   485 O O   . GLN C 1 17 ? -8.459  2.814  -4.338  1.000 11.685 0 17  GLN C O   1 ? 
ATOM   486 C CB  . GLN C 1 17 ? -9.792  0.057  -3.422  1.000 13.377 0 17  GLN C CB  1 ? 
ATOM   487 C CG  . GLN C 1 17 ? -10.326 -0.606 -4.684  1.000 14.486 0 17  GLN C CG  1 ? 
ATOM   488 C CD  . GLN C 1 17 ? -11.717 -1.190 -4.526  1.000 16.810 0 17  GLN C CD  1 ? 
ATOM   489 O OE1 . GLN C 1 17 ? -12.416 -0.911 -3.549  1.000 18.097 0 17  GLN C OE1 1 ? 
ATOM   490 N NE2 . GLN C 1 17 ? -12.126 -2.017 -5.485  1.000 18.650 0 17  GLN C NE2 1 ? 
ATOM   491 N N   . GLY C 1 18 ? -8.027  1.206  -5.876  1.000 11.179 0 18  GLY C N   1 ? 
ATOM   492 C CA  . GLY C 1 18 ? -8.043  2.134  -6.999  1.000 10.707 0 18  GLY C CA  1 ? 
ATOM   493 C C   . GLY C 1 18 ? -9.437  2.717  -7.248  1.000 10.942 0 18  GLY C C   1 ? 
ATOM   494 O O   . GLY C 1 18 ? -10.466 2.219  -6.739  1.000 10.496 0 18  GLY C O   1 ? 
ATOM   495 N N   . PRO C 1 19 ? -9.512  3.793  -8.054  1.000 10.777 0 19  PRO C N   1 ? 
ATOM   496 C CA  . PRO C 1 19 ? -10.783 4.392  -8.435  1.000 11.716 0 19  PRO C CA  1 ? 
ATOM   497 C C   . PRO C 1 19 ? -11.595 3.495  -9.352  1.000 11.063 0 19  PRO C C   1 ? 
ATOM   498 O O   . PRO C 1 19 ? -11.036 2.679  -10.070 1.000 10.290 0 19  PRO C O   1 ? 
ATOM   499 C CB  . PRO C 1 19 ? -10.392 5.723  -9.059  1.000 11.924 0 19  PRO C CB  1 ? 
ATOM   500 C CG  . PRO C 1 19 ? -8.975  5.498  -9.545  1.000 12.677 0 19  PRO C CG  1 ? 
ATOM   501 C CD  . PRO C 1 19 ? -8.354  4.546  -8.560  1.000 11.698 0 19  PRO C CD  1 ? 
ATOM   502 N N   . ARG C 1 20 ? -12.918 3.593  -9.232  1.000 11.610 0 20  ARG C N   1 ? 
ATOM   503 C CA  . ARG C 1 20 ? -13.826 2.957  -10.176 1.000 12.104 0 20  ARG C CA  1 ? 
ATOM   504 C C   . ARG C 1 20 ? -13.493 3.441  -11.592 1.000 11.786 0 20  ARG C C   1 ? 
ATOM   505 O O   . ARG C 1 20 ? -13.114 4.588  -11.807 1.000 9.951  0 20  ARG C O   1 ? 
ATOM   506 C CB  . ARG C 1 20 ? -15.285 3.284  -9.842  1.000 13.603 0 20  ARG C CB  1 ? 
ATOM   507 C CG  . ARG C 1 20 ? -16.289 2.590  -10.754 1.000 16.110 0 20  ARG C CG  1 ? 
ATOM   508 C CD  . ARG C 1 20 ? -17.727 2.746  -10.291 1.000 17.805 0 20  ARG C CD  1 ? 
ATOM   509 N NE  . ARG C 1 20 ? -18.203 4.120  -10.547 1.000 19.926 0 20  ARG C NE  1 ? 
ATOM   510 C CZ  . ARG C 1 20 ? -19.451 4.547  -10.345 1.000 22.042 0 20  ARG C CZ  1 ? 
ATOM   511 N NH1 . ARG C 1 20 ? -20.302 3.784  -9.667  1.000 24.759 0 20  ARG C NH1 1 ? 
ATOM   512 N NH2 . ARG C 1 20 ? -19.834 5.736  -10.783 1.000 20.535 0 20  ARG C NH2 1 ? 
ATOM   513 N N   . GLY C 1 21 ? -13.613 2.524  -12.569 1.000 11.871 0 21  GLY C N   1 ? 
ATOM   514 C CA  . GLY C 1 21 ? -13.349 2.864  -13.952 1.000 11.955 0 21  GLY C CA  1 ? 
ATOM   515 C C   . GLY C 1 21 ? -14.432 3.777  -14.517 1.000 12.084 0 21  GLY C C   1 ? 
ATOM   516 O O   . GLY C 1 21 ? -15.475 3.983  -13.886 1.000 12.909 0 21  GLY C O   1 ? 
ATOM   517 N N   . PRO C 1 22 ? -14.228 4.361  -15.718 1.000 12.803 0 22  PRO C N   1 ? 
ATOM   518 C CA  . PRO C 1 22 ? -15.210 5.269  -16.307 1.000 12.097 0 22  PRO C CA  1 ? 
ATOM   519 C C   . PRO C 1 22 ? -16.479 4.575  -16.774 1.000 11.035 0 22  PRO C C   1 ? 
ATOM   520 O O   . PRO C 1 22 ? -16.458 3.387  -17.063 1.000 10.216 0 22  PRO C O   1 ? 
ATOM   521 C CB  . PRO C 1 22 ? -14.520 5.878  -17.506 1.000 12.387 0 22  PRO C CB  1 ? 
ATOM   522 C CG  . PRO C 1 22 ? -13.414 4.936  -17.827 1.000 13.658 0 22  PRO C CG  1 ? 
ATOM   523 C CD  . PRO C 1 22 ? -13.013 4.237  -16.541 1.000 13.615 0 22  PRO C CD  1 ? 
HETATM 524 N N   . HYP C 1 23 ? -17.609 5.292  -16.912 1.000 12.135 0 23  HYP C N   1 ? 
HETATM 525 C CA  . HYP C 1 23 ? -18.805 4.680  -17.485 1.000 12.164 0 23  HYP C CA  1 ? 
HETATM 526 C C   . HYP C 1 23 ? -18.557 4.055  -18.857 1.000 12.843 0 23  HYP C C   1 ? 
HETATM 527 O O   . HYP C 1 23 ? -17.717 4.517  -19.636 1.000 10.834 0 23  HYP C O   1 ? 
HETATM 528 C CB  . HYP C 1 23 ? -19.806 5.844  -17.605 1.000 13.478 0 23  HYP C CB  1 ? 
HETATM 529 C CG  . HYP C 1 23 ? -19.316 6.837  -16.573 1.000 13.261 0 23  HYP C CG  1 ? 
HETATM 530 C CD  . HYP C 1 23 ? -17.798 6.713  -16.577 1.000 13.228 0 23  HYP C CD  1 ? 
HETATM 531 O OD1 . HYP C 1 23 ? -19.781 6.396  -15.330 1.000 16.660 0 23  HYP C OD1 1 ? 
ATOM   532 N N   . GLY C 1 24 ? -19.330 3.020  -19.166 1.000 13.079 0 24  GLY C N   1 ? 
ATOM   533 C CA  . GLY C 1 24 ? -19.174 2.288  -20.410 1.000 13.632 0 24  GLY C CA  1 ? 
ATOM   534 C C   . GLY C 1 24 ? -19.653 3.077  -21.632 1.000 14.287 0 24  GLY C C   1 ? 
ATOM   535 O O   . GLY C 1 24 ? -20.237 4.158  -21.503 1.000 13.540 0 24  GLY C O   1 ? 
ATOM   536 N N   . PRO C 1 25 ? -19.413 2.557  -22.859 1.000 16.439 0 25  PRO C N   1 ? 
ATOM   537 C CA  . PRO C 1 25 ? -19.920 3.201  -24.068 1.000 18.399 0 25  PRO C CA  1 ? 
ATOM   538 C C   . PRO C 1 25 ? -21.442 3.206  -24.140 1.000 18.011 0 25  PRO C C   1 ? 
ATOM   539 O O   . PRO C 1 25 ? -22.088 2.335  -23.558 1.000 17.108 0 25  PRO C O   1 ? 
ATOM   540 C CB  . PRO C 1 25 ? -19.353 2.387  -25.216 1.000 17.709 0 25  PRO C CB  1 ? 
ATOM   541 C CG  . PRO C 1 25 ? -18.551 1.271  -24.627 1.000 17.826 0 25  PRO C CG  1 ? 
ATOM   542 C CD  . PRO C 1 25 ? -18.696 1.302  -23.126 1.000 17.434 0 25  PRO C CD  1 ? 
HETATM 543 N N   . HYP C 1 26 ? -22.068 4.196  -24.822 1.000 22.143 0 26  HYP C N   1 ? 
HETATM 544 C CA  . HYP C 1 26 ? -23.497 4.118  -25.125 1.000 23.231 0 26  HYP C CA  1 ? 
HETATM 545 C C   . HYP C 1 26 ? -23.899 2.814  -25.814 1.000 22.720 0 26  HYP C C   1 ? 
HETATM 546 O O   . HYP C 1 26 ? -23.066 2.144  -26.421 1.000 25.175 0 26  HYP C O   1 ? 
HETATM 547 C CB  . HYP C 1 26 ? -23.752 5.336  -26.015 1.000 23.898 0 26  HYP C CB  1 ? 
HETATM 548 C CG  . HYP C 1 26 ? -22.645 6.317  -25.663 1.000 23.028 0 26  HYP C CG  1 ? 
HETATM 549 C CD  . HYP C 1 26 ? -21.451 5.452  -25.283 1.000 23.102 0 26  HYP C CD  1 ? 
HETATM 550 O OD1 . HYP C 1 26 ? -23.080 7.089  -24.561 1.000 23.943 0 26  HYP C OD1 1 ? 
ATOM   551 N N   . GLY C 1 27 ? -25.171 2.418  -25.633 1.000 23.007 0 27  GLY C N   1 ? 
ATOM   552 C CA  . GLY C 1 27 ? -25.658 1.108  -26.059 1.000 22.758 0 27  GLY C CA  1 ? 
ATOM   553 C C   . GLY C 1 27 ? -25.975 1.025  -27.548 1.000 24.163 0 27  GLY C C   1 ? 
ATOM   554 O O   . GLY C 1 27 ? -25.921 2.082  -28.193 1.000 25.383 0 27  GLY C O   1 ? 
HETATM 555 O O   . HOH D 2 .  ? -11.762 -4.145 -11.515 1.000 29.814 0 101 HOH A O   1 ? 
HETATM 556 O O   . HOH D 2 .  ? 14.053  -1.622 5.733   1.000 28.981 0 102 HOH A O   1 ? 
HETATM 557 O O   . HOH D 2 .  ? -3.511  -4.335 -6.800  1.000 26.508 0 103 HOH A O   1 ? 
HETATM 558 O O   . HOH D 2 .  ? 16.858  4.555  20.752  1.000 18.692 0 104 HOH A O   1 ? 
HETATM 559 O O   . HOH D 2 .  ? 9.078   2.345  3.638   1.000 30.898 0 105 HOH A O   1 ? 
HETATM 560 O O   . HOH D 2 .  ? 18.736  3.080  21.707  1.000 22.022 0 106 HOH A O   1 ? 
HETATM 561 O O   . HOH D 2 .  ? -14.046 -7.177 -12.678 1.000 27.923 0 107 HOH A O   1 ? 
HETATM 562 O O   . HOH D 2 .  ? 14.542  2.055  5.841   1.000 25.459 0 108 HOH A O   1 ? 
HETATM 563 O O   . HOH D 2 .  ? -27.446 1.794  -18.580 1.000 31.372 0 109 HOH A O   1 ? 
HETATM 564 O O   . HOH D 2 .  ? 16.369  -2.481 25.406  1.000 19.472 0 110 HOH A O   1 ? 
HETATM 565 O O   . HOH D 2 .  ? -23.797 5.497  -17.769 1.000 28.264 0 111 HOH A O   1 ? 
HETATM 566 O O   . HOH D 2 .  ? 4.891   7.711  6.383   1.000 18.093 0 112 HOH A O   1 ? 
HETATM 567 O O   . HOH D 2 .  ? 22.025  3.274  20.607  1.000 27.417 0 113 HOH A O   1 ? 
HETATM 568 O O   . HOH D 2 .  ? 19.317  1.369  12.070  1.000 18.793 0 114 HOH A O   1 ? 
HETATM 569 O O   . HOH D 2 .  ? 19.230  -1.733 28.937  1.000 18.515 0 115 HOH A O   1 ? 
HETATM 570 O O   . HOH D 2 .  ? 7.988   9.579  6.702   1.000 20.207 0 116 HOH A O   1 ? 
HETATM 571 O O   . HOH D 2 .  ? -9.899  -5.648 -7.358  1.000 21.986 0 117 HOH A O   1 ? 
HETATM 572 O O   . HOH D 2 .  ? 1.606   2.033  -8.330  1.000 33.453 0 118 HOH A O   1 ? 
HETATM 573 O O   . HOH D 2 .  ? -19.898 0.181  -11.461 1.000 14.992 0 119 HOH A O   1 ? 
HETATM 574 O O   . HOH D 2 .  ? -6.589  -6.275 -7.722  1.000 15.859 0 120 HOH A O   1 ? 
HETATM 575 O O   . HOH D 2 .  ? -0.783  1.466  -11.165 1.000 23.229 0 121 HOH A O   1 ? 
HETATM 576 O O   . HOH D 2 .  ? 1.970   -4.812 -4.305  1.000 31.706 0 122 HOH A O   1 ? 
HETATM 577 O O   . HOH D 2 .  ? 19.759  -0.704 10.683  1.000 26.257 0 123 HOH A O   1 ? 
HETATM 578 O O   . HOH D 2 .  ? -4.304  -4.958 -9.334  1.000 19.101 0 124 HOH A O   1 ? 
HETATM 579 O O   . HOH D 2 .  ? 20.466  5.316  19.146  1.000 15.564 0 125 HOH A O   1 ? 
HETATM 580 O O   . HOH D 2 .  ? -3.583  -6.245 -5.474  1.000 29.443 0 126 HOH A O   1 ? 
HETATM 581 O O   . HOH D 2 .  ? 16.191  1.351  27.523  1.000 22.277 0 127 HOH A O   1 ? 
HETATM 582 O O   . HOH D 2 .  ? 3.716   -0.511 -6.223  1.000 38.183 0 128 HOH A O   1 ? 
HETATM 583 O O   . HOH D 2 .  ? 18.023  3.917  10.673  1.000 31.204 0 129 HOH A O   1 ? 
HETATM 584 O O   . HOH D 2 .  ? 16.997  1.187  5.213   1.000 30.442 0 130 HOH A O   1 ? 
HETATM 585 O O   . HOH E 2 .  ? -0.194  6.933  1.249   1.000 25.407 0 101 HOH B O   1 ? 
HETATM 586 O O   . HOH E 2 .  ? -4.898  4.212  -9.560  1.000 31.658 0 102 HOH B O   1 ? 
HETATM 587 O O   . HOH E 2 .  ? -16.150 -1.214 -22.136 1.000 23.142 0 103 HOH B O   1 ? 
HETATM 588 O O   . HOH E 2 .  ? -1.008  5.688  -1.050  1.000 22.575 0 104 HOH B O   1 ? 
HETATM 589 O O   . HOH E 2 .  ? 2.519   2.179  6.989   1.000 23.229 0 105 HOH B O   1 ? 
HETATM 590 O O   . HOH E 2 .  ? 7.678   -1.760 14.350  1.000 19.177 0 106 HOH B O   1 ? 
HETATM 591 O O   . HOH E 2 .  ? -16.100 -3.643 -18.945 1.000 15.256 0 107 HOH B O   1 ? 
HETATM 592 O O   . HOH E 2 .  ? 20.913  -8.333 17.470  1.000 15.083 0 108 HOH B O   1 ? 
HETATM 593 O O   . HOH E 2 .  ? -10.111 3.042  -16.850 1.000 26.330 0 109 HOH B O   1 ? 
HETATM 594 O O   . HOH E 2 .  ? 15.782  -2.629 22.608  1.000 15.331 0 110 HOH B O   1 ? 
HETATM 595 O O   . HOH E 2 .  ? 9.918   -0.131 18.004  1.000 26.436 0 111 HOH B O   1 ? 
HETATM 596 O O   . HOH E 2 .  ? -23.831 -4.677 -21.662 1.000 18.031 0 112 HOH B O   1 ? 
HETATM 597 O O   . HOH E 2 .  ? 11.888  3.875  12.932  1.000 23.537 0 113 HOH B O   1 ? 
HETATM 598 O O   . HOH E 2 .  ? -10.053 9.547  -10.287 1.000 19.368 0 114 HOH B O   1 ? 
HETATM 599 O O   . HOH E 2 .  ? 11.619  2.844  15.763  1.000 15.660 0 115 HOH B O   1 ? 
HETATM 600 O O   . HOH E 2 .  ? -5.939  4.310  3.184   1.000 33.633 0 116 HOH B O   1 ? 
HETATM 601 O O   . HOH E 2 .  ? -4.656  3.847  -12.726 1.000 19.017 0 117 HOH B O   1 ? 
HETATM 602 O O   . HOH E 2 .  ? 5.172   1.525  13.238  1.000 22.061 0 118 HOH B O   1 ? 
HETATM 603 O O   . HOH E 2 .  ? 30.203  -3.235 19.954  1.000 35.988 0 119 HOH B O   1 ? 
HETATM 604 O O   . HOH E 2 .  ? -7.104  9.680  -7.586  1.000 22.231 0 120 HOH B O   1 ? 
HETATM 605 O O   . HOH E 2 .  ? -14.836 2.824  -23.111 1.000 23.185 0 121 HOH B O   1 ? 
HETATM 606 O O   . HOH E 2 .  ? -8.061  -0.338 -18.238 1.000 20.745 0 122 HOH B O   1 ? 
HETATM 607 O O   . HOH E 2 .  ? 2.524   1.967  12.562  1.000 21.234 0 123 HOH B O   1 ? 
HETATM 608 O O   . HOH F 2 .  ? -5.877  -2.458 2.341   1.000 37.922 0 101 HOH C O   1 ? 
HETATM 609 O O   . HOH F 2 .  ? 25.158  5.459  23.491  1.000 34.637 0 102 HOH C O   1 ? 
HETATM 610 O O   . HOH F 2 .  ? 9.941   -5.555 12.867  1.000 17.257 0 103 HOH C O   1 ? 
HETATM 611 O O   . HOH F 2 .  ? -22.918 3.965  -10.188 1.000 26.742 0 104 HOH C O   1 ? 
HETATM 612 O O   . HOH F 2 .  ? -12.555 6.351  -13.780 1.000 16.496 0 105 HOH C O   1 ? 
HETATM 613 O O   . HOH F 2 .  ? -19.447 6.763  -21.608 1.000 34.195 0 106 HOH C O   1 ? 
HETATM 614 O O   . HOH F 2 .  ? -16.264 5.876  -12.088 1.000 13.910 0 107 HOH C O   1 ? 
HETATM 615 O O   . HOH F 2 .  ? -18.575 7.262  -12.729 1.000 17.432 0 108 HOH C O   1 ? 
HETATM 616 O O   . HOH F 2 .  ? 25.656  0.915  14.360  1.000 21.008 0 109 HOH C O   1 ? 
HETATM 617 O O   . HOH F 2 .  ? -14.199 5.522  -7.658  1.000 16.310 0 110 HOH C O   1 ? 
HETATM 618 O O   . HOH F 2 .  ? -16.315 4.613  -22.059 1.000 16.649 0 111 HOH C O   1 ? 
HETATM 619 O O   . HOH F 2 .  ? 21.946  -5.683 14.235  1.000 16.764 0 112 HOH C O   1 ? 
HETATM 620 O O   . HOH F 2 .  ? -12.929 2.704  -5.460  1.000 22.432 0 113 HOH C O   1 ? 
HETATM 621 O O   . HOH F 2 .  ? 17.666  -2.454 11.091  1.000 12.989 0 114 HOH C O   1 ? 
HETATM 622 O O   . HOH F 2 .  ? 21.845  2.215  12.916  1.000 17.666 0 115 HOH C O   1 ? 
HETATM 623 O O   . HOH F 2 .  ? 1.862   -4.770 5.265   1.000 26.981 0 116 HOH C O   1 ? 
HETATM 624 O O   . HOH F 2 .  ? 18.869  -6.607 16.153  1.000 21.987 0 117 HOH C O   1 ? 
HETATM 625 O O   . HOH F 2 .  ? 10.224  -4.301 5.787   1.000 18.656 0 118 HOH C O   1 ? 
HETATM 626 O O   . HOH F 2 .  ? 18.771  -6.223 9.451   1.000 31.879 0 119 HOH C O   1 ? 
HETATM 627 O O   . HOH F 2 .  ? 27.705  -3.742 19.768  1.000 25.600 0 120 HOH C O   1 ? 
HETATM 628 O O   . HOH F 2 .  ? -5.685  -6.761 -2.354  1.000 26.872 0 121 HOH C O   1 ? 
HETATM 629 O O   . HOH F 2 .  ? 6.669   -7.322 6.835   1.000 19.994 0 122 HOH C O   1 ? 
HETATM 630 O O   . HOH F 2 .  ? 19.533  -5.457 12.387  1.000 17.906 0 123 HOH C O   1 ? 
HETATM 631 O O   . HOH F 2 .  ? 7.534   -3.847 12.926  1.000 12.829 0 124 HOH C O   1 ? 
HETATM 632 O O   . HOH F 2 .  ? -11.698 4.228  -3.956  1.000 27.835 0 125 HOH C O   1 ? 
HETATM 633 O O   . HOH F 2 .  ? -18.046 2.407  -6.654  1.000 31.960 0 126 HOH C O   1 ? 
HETATM 634 O O   . HOH F 2 .  ? -20.069 4.081  -5.619  1.000 29.019 0 127 HOH C O   1 ? 
HETATM 635 O O   . HOH F 2 .  ? -16.087 3.762  -6.457  1.000 20.556 0 128 HOH C O   1 ? 
HETATM 636 O O   . HOH F 2 .  ? -15.046 8.514  -14.767 1.000 6.109  0 129 HOH C O   1 ? 
HETATM 637 O O   . HOH F 2 .  ? 24.480  -4.900 13.111  1.000 23.050 0 130 HOH C O   1 ? 
HETATM 638 O O   . HOH F 2 .  ? 9.301   -7.907 6.033   1.000 29.783 0 131 HOH C O   1 ? 
# 
